data_7MXC
#
_entry.id   7MXC
#
_cell.length_a   99.923
_cell.length_b   137.956
_cell.length_c   177.942
_cell.angle_alpha   90
_cell.angle_beta   90
_cell.angle_gamma   90
#
_symmetry.space_group_name_H-M   'I 2 2 2'
#
loop_
_entity.id
_entity.type
_entity.pdbx_description
1 polymer 'Protein arginine N-methyltransferase 5'
2 polymer 'Methylosome protein 50'
3 non-polymer ADENOSINE
4 water water
#
loop_
_entity_poly.entity_id
_entity_poly.type
_entity_poly.pdbx_seq_one_letter_code
_entity_poly.pdbx_strand_id
1 'polypeptide(L)'
;MAAMAVGGAGGSRVSSGRDLNCVPEIADTLGAVAKQGFDFLCMPVFHPRFKREFIQEPAKNRPGPQTRSDLLLSGRDWNT
LIVGKLSPWIRPDSKVEKIRRNSEAAMLQELNFGAYLGLPAFLLPLNQEDNTNLARVLTNHIHTGHHSSMFWMRVPLVAP
EDLRDDIIENAPTTHTEEYSGEEKTWMWWHNFRTLCDYSKRIAVALEIGADLPSNHVIDRWLGEPIKAAILPTSIFLTNK
KGFPVLSKMHQRLIFRLLKLEVQFIITGTNHHSEKEFCSYLQYLEYLSQNRPPPNAYELFAKGYEDYLQSPLQPLMDNLE
SQTYEVFEKDPIKYSQYQQAIYKCLLDRVPEEEKDTNVQVLMVLGAGRGPLVNASLRAAKQADRRIKLYAVEKNPNAVVT
LENWQFEEWGSQVTVVSSDMREWVAPEKADIIVSELLGSFADNELSPECLDGAQHFLKDDGVSIPGEYTSFLAPISSSKL
YNEVRACREKDRDPEAQFEMPYVVRLHNFHQLSAPQPCFTFSHPNRDPMIDNNRYCTLEFPVEVNTVLHGFAGYFETVLY
QDITLSIRPETHSPGMFSWFPILFPIKQPITVREGQTICVRFWRCSNSKKVWYEWAVTAPVCSAIHNPTGRSYTIGL
;
A
2 'polypeptide(L)'
;MASHHHHHHDYDGATTENLYFQGSLRKETPPPLVPPAAREWNLPPNAPACMERQLEAARYRSDGALLLGASSLSGRCWAG
SLWLFKDPCAAPNEGFCSAGVQTEAGVADLTWVGERGILVASDSGAVELWELDENETLIVSKFCKYEHDDIVSTVSVLSS
GTQAVSGSKDICIKVWDLAQQVVLSSYRAHAAQVTCVAASPHKDSVFLSCSEDNRILLWDTRCPKPASQIGCSAPGYLPT
SLAWHPQQSEVFVFGDENGTVSLVDTKSTSCVLSSAVHSQCVTGLVFSPHSVPFLASLSEDCSLAVLDSSLSELFRSQAH
RDFVRDATWSPLNHSLLTTVGWDHQVVHHVVPTEPLPAPGPASVTE
;
B
#
loop_
_chem_comp.id
_chem_comp.type
_chem_comp.name
_chem_comp.formula
ADN non-polymer ADENOSINE 'C10 H13 N5 O4'
#
# COMPACT_ATOMS: atom_id res chain seq x y z
N ARG A 13 4.65 -20.38 -1.65
CA ARG A 13 4.34 -19.91 -0.30
C ARG A 13 4.15 -18.40 -0.19
N VAL A 14 4.66 -17.64 -1.17
CA VAL A 14 4.48 -16.19 -1.17
C VAL A 14 3.98 -15.72 -2.54
N SER A 15 2.88 -14.97 -2.55
CA SER A 15 2.34 -14.45 -3.80
C SER A 15 3.18 -13.26 -4.18
N SER A 16 3.88 -13.37 -5.31
CA SER A 16 4.78 -12.31 -5.73
C SER A 16 4.62 -11.90 -7.19
N GLY A 17 4.98 -10.66 -7.47
CA GLY A 17 4.87 -10.11 -8.81
C GLY A 17 6.07 -9.27 -9.16
N ARG A 18 6.30 -9.08 -10.46
CA ARG A 18 7.41 -8.30 -10.96
C ARG A 18 6.89 -6.99 -11.50
N ASP A 19 7.54 -5.88 -11.14
CA ASP A 19 7.15 -4.57 -11.65
C ASP A 19 8.09 -4.14 -12.77
N LEU A 20 7.52 -3.75 -13.91
CA LEU A 20 8.30 -3.31 -15.05
C LEU A 20 7.71 -2.09 -15.71
N ASN A 21 8.57 -1.29 -16.33
CA ASN A 21 8.12 -0.20 -17.19
C ASN A 21 8.56 -0.41 -18.64
N CYS A 22 9.00 -1.62 -18.97
CA CYS A 22 9.52 -1.93 -20.28
C CYS A 22 9.06 -3.33 -20.64
N VAL A 23 8.04 -3.40 -21.48
CA VAL A 23 7.51 -4.68 -21.93
C VAL A 23 7.45 -4.56 -23.45
N PRO A 24 8.55 -4.92 -24.12
CA PRO A 24 8.58 -4.78 -25.58
C PRO A 24 7.62 -5.76 -26.24
N GLU A 25 7.68 -7.03 -25.78
CA GLU A 25 6.79 -8.07 -26.28
C GLU A 25 6.07 -8.66 -25.08
N ILE A 26 4.80 -8.28 -24.90
CA ILE A 26 3.94 -8.69 -23.78
C ILE A 26 3.94 -10.20 -23.49
N ALA A 27 3.95 -11.04 -24.52
CA ALA A 27 3.95 -12.48 -24.33
C ALA A 27 5.30 -13.01 -23.94
N ASP A 28 6.38 -12.43 -24.50
CA ASP A 28 7.75 -12.83 -24.19
C ASP A 28 8.11 -12.46 -22.76
N THR A 29 7.74 -11.23 -22.36
CA THR A 29 8.00 -10.68 -21.04
C THR A 29 7.31 -11.52 -19.96
N LEU A 30 6.03 -11.85 -20.19
CA LEU A 30 5.28 -12.66 -19.26
C LEU A 30 5.86 -14.05 -19.10
N GLY A 31 6.33 -14.63 -20.20
CA GLY A 31 6.93 -15.96 -20.19
C GLY A 31 8.19 -15.97 -19.36
N ALA A 32 9.03 -14.94 -19.54
CA ALA A 32 10.28 -14.79 -18.80
C ALA A 32 10.01 -14.53 -17.31
N VAL A 33 9.00 -13.70 -17.00
CA VAL A 33 8.62 -13.36 -15.64
C VAL A 33 8.10 -14.61 -14.91
N ALA A 34 7.28 -15.43 -15.59
CA ALA A 34 6.76 -16.64 -14.98
C ALA A 34 7.87 -17.67 -14.81
N LYS A 35 8.76 -17.80 -15.82
CA LYS A 35 9.90 -18.71 -15.72
C LYS A 35 10.83 -18.30 -14.57
N GLN A 36 10.93 -16.97 -14.29
CA GLN A 36 11.69 -16.42 -13.17
C GLN A 36 11.12 -16.94 -11.84
N GLY A 37 9.79 -17.07 -11.75
CA GLY A 37 9.12 -17.59 -10.57
C GLY A 37 7.98 -16.72 -10.04
N PHE A 38 7.58 -15.71 -10.81
CA PHE A 38 6.52 -14.80 -10.39
C PHE A 38 5.12 -15.38 -10.60
N ASP A 39 4.11 -14.67 -10.09
CA ASP A 39 2.70 -15.01 -10.19
C ASP A 39 1.93 -13.94 -10.98
N PHE A 40 2.45 -12.70 -11.06
CA PHE A 40 1.81 -11.63 -11.81
C PHE A 40 2.81 -10.58 -12.31
N LEU A 41 2.36 -9.69 -13.20
CA LEU A 41 3.20 -8.68 -13.79
C LEU A 41 2.54 -7.33 -13.68
N CYS A 42 3.30 -6.35 -13.22
CA CYS A 42 2.83 -4.99 -13.19
C CYS A 42 3.51 -4.35 -14.38
N MET A 43 2.72 -4.00 -15.36
CA MET A 43 3.19 -3.41 -16.60
C MET A 43 2.24 -2.32 -17.03
N PRO A 44 2.73 -1.34 -17.79
CA PRO A 44 1.83 -0.26 -18.24
C PRO A 44 0.92 -0.74 -19.35
N VAL A 45 -0.34 -0.31 -19.31
CA VAL A 45 -1.36 -0.68 -20.30
C VAL A 45 -1.27 0.13 -21.61
N PHE A 46 -0.53 1.23 -21.56
CA PHE A 46 -0.17 2.11 -22.65
C PHE A 46 1.33 2.32 -22.53
N HIS A 47 2.01 2.70 -23.63
CA HIS A 47 3.46 2.95 -23.55
C HIS A 47 3.73 4.14 -22.63
N PRO A 48 4.54 3.95 -21.58
CA PRO A 48 4.78 5.04 -20.61
C PRO A 48 5.19 6.39 -21.19
N ARG A 49 5.95 6.39 -22.29
CA ARG A 49 6.37 7.64 -22.90
C ARG A 49 5.36 8.24 -23.90
N PHE A 50 4.33 7.49 -24.27
CA PHE A 50 3.36 7.94 -25.27
C PHE A 50 2.39 9.00 -24.78
N LYS A 51 2.82 10.26 -24.59
CA LYS A 51 1.92 11.33 -24.17
C LYS A 51 0.88 11.53 -25.24
N ARG A 52 -0.38 11.69 -24.83
CA ARG A 52 -1.48 11.87 -25.77
C ARG A 52 -2.17 13.20 -25.53
N GLU A 53 -2.81 13.73 -26.56
CA GLU A 53 -3.49 15.01 -26.48
C GLU A 53 -4.97 14.78 -26.69
N PHE A 54 -5.81 15.49 -25.96
CA PHE A 54 -7.26 15.34 -26.03
C PHE A 54 -7.96 16.68 -26.27
N ILE A 55 -7.23 17.83 -26.33
CA ILE A 55 -7.90 19.12 -26.51
C ILE A 55 -7.56 19.84 -27.83
N GLN A 56 -6.26 20.05 -28.15
CA GLN A 56 -5.93 20.86 -29.32
C GLN A 56 -5.31 20.07 -30.49
N GLU A 57 -5.56 20.60 -31.69
CA GLU A 57 -5.15 20.03 -32.96
C GLU A 57 -3.70 20.43 -33.31
N PRO A 58 -2.96 19.57 -34.02
CA PRO A 58 -3.38 18.29 -34.60
C PRO A 58 -2.93 17.06 -33.82
N ALA A 59 -2.38 17.23 -32.60
CA ALA A 59 -1.93 16.09 -31.82
C ALA A 59 -3.14 15.28 -31.27
N LYS A 60 -4.29 15.95 -31.06
CA LYS A 60 -5.48 15.23 -30.61
C LYS A 60 -5.96 14.26 -31.70
N ASN A 61 -5.85 14.67 -32.99
CA ASN A 61 -6.25 13.80 -34.09
C ASN A 61 -5.18 12.75 -34.42
N ARG A 62 -4.32 12.39 -33.45
CA ARG A 62 -3.26 11.39 -33.70
C ARG A 62 -3.84 10.07 -34.15
N PRO A 63 -3.54 9.69 -35.40
CA PRO A 63 -4.10 8.45 -35.94
C PRO A 63 -3.42 7.19 -35.42
N GLY A 64 -3.79 6.05 -35.99
CA GLY A 64 -3.23 4.76 -35.66
C GLY A 64 -3.76 4.22 -34.36
N PRO A 65 -3.33 2.98 -34.01
CA PRO A 65 -3.76 2.39 -32.74
C PRO A 65 -3.22 3.19 -31.54
N GLN A 66 -4.00 3.28 -30.46
CA GLN A 66 -3.55 4.01 -29.28
C GLN A 66 -2.72 3.16 -28.33
N THR A 67 -2.75 1.81 -28.46
CA THR A 67 -1.94 0.86 -27.66
C THR A 67 -1.93 -0.57 -28.30
N ARG A 68 -1.25 -1.56 -27.70
CA ARG A 68 -1.28 -2.92 -28.19
C ARG A 68 -2.70 -3.53 -28.00
N SER A 69 -2.97 -4.70 -28.61
CA SER A 69 -4.29 -5.31 -28.56
C SER A 69 -4.57 -6.26 -27.37
N ASP A 70 -5.84 -6.30 -26.96
CA ASP A 70 -6.35 -7.20 -25.93
C ASP A 70 -6.26 -8.69 -26.35
N LEU A 71 -6.20 -8.95 -27.68
CA LEU A 71 -6.10 -10.30 -28.23
C LEU A 71 -4.76 -10.97 -27.92
N LEU A 72 -3.71 -10.18 -27.65
CA LEU A 72 -2.38 -10.72 -27.32
C LEU A 72 -2.37 -11.64 -26.09
N LEU A 73 -3.39 -11.55 -25.23
CA LEU A 73 -3.49 -12.42 -24.06
C LEU A 73 -4.90 -12.98 -23.92
N SER A 74 -5.02 -14.16 -23.31
CA SER A 74 -6.33 -14.75 -23.05
C SER A 74 -7.00 -13.97 -21.91
N GLY A 75 -8.32 -14.10 -21.81
CA GLY A 75 -9.08 -13.48 -20.75
C GLY A 75 -8.60 -13.89 -19.36
N ARG A 76 -8.17 -15.15 -19.21
CA ARG A 76 -7.67 -15.62 -17.92
C ARG A 76 -6.36 -14.94 -17.57
N ASP A 77 -5.46 -14.77 -18.54
CA ASP A 77 -4.17 -14.13 -18.31
C ASP A 77 -4.37 -12.64 -17.97
N TRP A 78 -5.29 -11.97 -18.68
CA TRP A 78 -5.60 -10.58 -18.40
C TRP A 78 -6.20 -10.42 -17.02
N ASN A 79 -7.03 -11.38 -16.58
CA ASN A 79 -7.72 -11.31 -15.30
C ASN A 79 -6.89 -11.81 -14.11
N THR A 80 -5.80 -12.54 -14.36
CA THR A 80 -5.05 -13.12 -13.23
C THR A 80 -3.56 -12.74 -13.15
N LEU A 81 -2.98 -12.28 -14.25
CA LEU A 81 -1.55 -12.00 -14.28
C LEU A 81 -1.18 -10.56 -14.55
N ILE A 82 -2.13 -9.70 -14.93
CA ILE A 82 -1.74 -8.34 -15.28
C ILE A 82 -2.29 -7.30 -14.35
N VAL A 83 -1.40 -6.62 -13.64
CA VAL A 83 -1.76 -5.51 -12.78
C VAL A 83 -1.33 -4.30 -13.60
N GLY A 84 -2.28 -3.47 -13.98
CA GLY A 84 -2.00 -2.32 -14.82
C GLY A 84 -1.26 -1.23 -14.07
N LYS A 85 -0.74 -0.24 -14.81
CA LYS A 85 -0.03 0.89 -14.18
C LYS A 85 -0.43 2.21 -14.82
N LEU A 86 -0.71 3.26 -14.02
CA LEU A 86 -1.06 4.57 -14.60
C LEU A 86 0.19 5.17 -15.27
N SER A 87 0.05 5.81 -16.44
CA SER A 87 1.21 6.35 -17.14
C SER A 87 1.87 7.51 -16.35
N PRO A 88 3.21 7.46 -16.22
CA PRO A 88 3.90 8.43 -15.37
C PRO A 88 3.72 9.90 -15.74
N TRP A 89 3.30 10.23 -16.96
CA TRP A 89 3.07 11.62 -17.34
C TRP A 89 1.71 12.16 -16.93
N ILE A 90 0.81 11.29 -16.44
CA ILE A 90 -0.53 11.69 -16.08
C ILE A 90 -0.53 12.42 -14.76
N ARG A 91 -0.70 13.74 -14.82
CA ARG A 91 -0.65 14.57 -13.65
C ARG A 91 -1.94 15.33 -13.50
N PRO A 92 -2.96 14.69 -12.87
CA PRO A 92 -4.25 15.36 -12.69
C PRO A 92 -4.23 16.57 -11.74
N ASP A 93 -3.22 16.65 -10.89
CA ASP A 93 -3.10 17.76 -9.95
C ASP A 93 -2.10 18.84 -10.33
N SER A 94 -1.71 18.90 -11.61
CA SER A 94 -0.79 19.92 -12.11
C SER A 94 -1.30 21.35 -11.88
N LYS A 95 -0.36 22.29 -11.70
CA LYS A 95 -0.71 23.71 -11.58
C LYS A 95 -1.08 24.31 -12.96
N VAL A 96 -0.73 23.61 -14.07
CA VAL A 96 -1.04 24.03 -15.43
C VAL A 96 -2.42 23.51 -15.79
N GLU A 97 -3.34 24.40 -16.16
CA GLU A 97 -4.71 24.01 -16.51
C GLU A 97 -4.77 23.00 -17.66
N LYS A 98 -4.11 23.27 -18.79
CA LYS A 98 -4.13 22.34 -19.93
C LYS A 98 -3.61 20.95 -19.56
N ILE A 99 -2.62 20.87 -18.66
CA ILE A 99 -2.08 19.58 -18.26
C ILE A 99 -3.04 18.77 -17.37
N ARG A 100 -3.85 19.51 -16.58
CA ARG A 100 -4.84 18.94 -15.70
C ARG A 100 -5.94 18.36 -16.56
N ARG A 101 -6.57 19.18 -17.43
CA ARG A 101 -7.63 18.73 -18.34
C ARG A 101 -7.18 17.58 -19.22
N ASN A 102 -5.95 17.63 -19.67
CA ASN A 102 -5.41 16.58 -20.52
C ASN A 102 -5.28 15.30 -19.75
N SER A 103 -4.72 15.39 -18.53
CA SER A 103 -4.47 14.25 -17.65
C SER A 103 -5.76 13.65 -17.07
N GLU A 104 -6.87 14.43 -17.02
CA GLU A 104 -8.15 13.96 -16.53
C GLU A 104 -8.65 12.95 -17.55
N ALA A 105 -8.88 13.38 -18.81
CA ALA A 105 -9.28 12.53 -19.93
C ALA A 105 -8.34 11.32 -20.14
N ALA A 106 -7.05 11.55 -19.96
CA ALA A 106 -6.02 10.53 -20.09
C ALA A 106 -6.08 9.48 -19.00
N MET A 107 -6.47 9.90 -17.77
CA MET A 107 -6.55 8.99 -16.62
C MET A 107 -7.74 8.07 -16.77
N LEU A 108 -8.91 8.64 -17.09
CA LEU A 108 -10.13 7.86 -17.32
C LEU A 108 -9.93 6.85 -18.44
N GLN A 109 -9.19 7.24 -19.47
CA GLN A 109 -8.90 6.40 -20.61
C GLN A 109 -8.17 5.13 -20.18
N GLU A 110 -7.14 5.25 -19.34
CA GLU A 110 -6.38 4.09 -18.92
C GLU A 110 -7.11 3.24 -17.89
N LEU A 111 -7.96 3.87 -17.07
CA LEU A 111 -8.72 3.12 -16.07
C LEU A 111 -9.79 2.31 -16.80
N ASN A 112 -10.52 2.94 -17.73
CA ASN A 112 -11.53 2.29 -18.55
C ASN A 112 -10.88 1.24 -19.49
N PHE A 113 -9.63 1.42 -19.91
CA PHE A 113 -8.94 0.41 -20.69
C PHE A 113 -8.59 -0.82 -19.82
N GLY A 114 -8.33 -0.61 -18.55
CA GLY A 114 -8.04 -1.69 -17.61
C GLY A 114 -9.30 -2.39 -17.15
N ALA A 115 -10.41 -1.65 -17.07
CA ALA A 115 -11.71 -2.22 -16.72
C ALA A 115 -12.14 -3.09 -17.92
N TYR A 116 -11.96 -2.60 -19.16
CA TYR A 116 -12.19 -3.32 -20.41
C TYR A 116 -11.50 -4.71 -20.42
N LEU A 117 -10.26 -4.80 -19.91
CA LEU A 117 -9.53 -6.07 -19.86
C LEU A 117 -9.81 -6.91 -18.65
N GLY A 118 -10.60 -6.41 -17.70
CA GLY A 118 -10.92 -7.07 -16.45
C GLY A 118 -9.70 -7.29 -15.58
N LEU A 119 -8.73 -6.36 -15.59
CA LEU A 119 -7.52 -6.53 -14.77
C LEU A 119 -7.84 -6.62 -13.29
N PRO A 120 -7.18 -7.56 -12.59
CA PRO A 120 -7.45 -7.72 -11.16
C PRO A 120 -7.12 -6.53 -10.28
N ALA A 121 -6.13 -5.73 -10.69
CA ALA A 121 -5.73 -4.53 -9.95
C ALA A 121 -5.08 -3.52 -10.88
N PHE A 122 -5.07 -2.25 -10.49
CA PHE A 122 -4.49 -1.15 -11.25
C PHE A 122 -3.75 -0.20 -10.28
N LEU A 123 -2.45 0.04 -10.53
CA LEU A 123 -1.60 0.91 -9.71
C LEU A 123 -1.69 2.39 -10.05
N LEU A 124 -1.85 3.23 -9.04
CA LEU A 124 -1.87 4.67 -9.19
C LEU A 124 -0.92 5.22 -8.12
N PRO A 125 -0.13 6.24 -8.45
CA PRO A 125 0.85 6.74 -7.48
C PRO A 125 0.41 7.89 -6.59
N LEU A 126 0.89 7.87 -5.35
CA LEU A 126 0.73 8.99 -4.44
C LEU A 126 2.14 9.40 -4.14
N ASN A 127 2.60 10.48 -4.78
CA ASN A 127 3.94 10.99 -4.51
C ASN A 127 3.97 12.51 -4.25
N GLN A 128 2.85 13.08 -3.80
CA GLN A 128 2.80 14.48 -3.41
C GLN A 128 1.64 14.70 -2.44
N GLU A 129 1.63 15.83 -1.71
CA GLU A 129 0.61 16.02 -0.71
C GLU A 129 -0.75 16.27 -1.36
N ASP A 130 -0.78 16.99 -2.48
CA ASP A 130 -2.07 17.27 -3.11
C ASP A 130 -2.42 16.33 -4.24
N ASN A 131 -3.32 15.40 -3.95
CA ASN A 131 -3.88 14.48 -4.92
C ASN A 131 -5.40 14.59 -4.94
N THR A 132 -5.94 15.82 -4.82
CA THR A 132 -7.37 16.04 -4.80
C THR A 132 -8.03 15.66 -6.13
N ASN A 133 -7.59 16.24 -7.24
CA ASN A 133 -8.14 15.93 -8.53
C ASN A 133 -7.90 14.50 -8.92
N LEU A 134 -6.80 13.87 -8.45
CA LEU A 134 -6.53 12.47 -8.74
C LEU A 134 -7.66 11.62 -8.15
N ALA A 135 -7.99 11.89 -6.86
CA ALA A 135 -9.07 11.28 -6.11
C ALA A 135 -10.41 11.54 -6.78
N ARG A 136 -10.68 12.79 -7.25
CA ARG A 136 -11.95 13.14 -7.88
C ARG A 136 -12.13 12.28 -9.12
N VAL A 137 -11.14 12.28 -10.01
CA VAL A 137 -11.17 11.47 -11.22
C VAL A 137 -11.32 9.97 -10.88
N LEU A 138 -10.70 9.44 -9.81
CA LEU A 138 -10.85 8.03 -9.47
C LEU A 138 -12.26 7.73 -8.95
N THR A 139 -12.75 8.56 -8.03
CA THR A 139 -14.09 8.46 -7.49
C THR A 139 -15.13 8.49 -8.62
N ASN A 140 -14.90 9.34 -9.63
CA ASN A 140 -15.84 9.43 -10.73
CA ASN A 140 -15.78 9.46 -10.82
C ASN A 140 -15.80 8.17 -11.61
N HIS A 141 -14.62 7.52 -11.77
CA HIS A 141 -14.50 6.27 -12.54
C HIS A 141 -15.16 5.15 -11.76
N ILE A 142 -15.02 5.11 -10.45
CA ILE A 142 -15.64 4.05 -9.63
C ILE A 142 -17.17 4.07 -9.76
N HIS A 143 -17.75 5.23 -10.01
CA HIS A 143 -19.17 5.36 -10.20
C HIS A 143 -19.54 5.37 -11.69
N THR A 144 -18.73 4.75 -12.55
CA THR A 144 -19.03 4.75 -13.98
C THR A 144 -18.79 3.39 -14.59
N GLY A 145 -19.86 2.60 -14.69
CA GLY A 145 -19.79 1.29 -15.33
C GLY A 145 -19.83 0.12 -14.40
N HIS A 146 -19.53 -1.06 -14.95
CA HIS A 146 -19.57 -2.30 -14.19
C HIS A 146 -18.17 -2.80 -13.97
N HIS A 147 -17.64 -2.40 -12.82
CA HIS A 147 -16.28 -2.47 -12.31
C HIS A 147 -15.78 -3.80 -11.75
N SER A 148 -15.32 -3.86 -10.46
CA SER A 148 -14.72 -4.98 -9.71
C SER A 148 -13.18 -4.84 -9.50
N SER A 149 -12.54 -3.97 -10.28
CA SER A 149 -11.09 -3.82 -10.21
C SER A 149 -10.59 -3.26 -8.88
N MET A 150 -9.41 -3.72 -8.43
CA MET A 150 -8.82 -3.16 -7.22
C MET A 150 -7.88 -2.04 -7.58
N PHE A 151 -7.85 -0.98 -6.78
CA PHE A 151 -6.94 0.13 -7.02
C PHE A 151 -5.91 0.23 -5.91
N TRP A 152 -4.68 -0.13 -6.23
CA TRP A 152 -3.54 -0.13 -5.33
C TRP A 152 -2.80 1.20 -5.47
N MET A 153 -2.70 1.99 -4.39
CA MET A 153 -2.00 3.29 -4.40
C MET A 153 -0.60 3.06 -3.94
N ARG A 154 0.35 3.36 -4.82
CA ARG A 154 1.78 3.24 -4.63
C ARG A 154 2.19 4.43 -3.81
N VAL A 155 2.46 4.20 -2.54
CA VAL A 155 2.86 5.27 -1.64
C VAL A 155 4.11 4.86 -0.87
N PRO A 156 5.12 5.71 -0.85
CA PRO A 156 6.37 5.35 -0.17
C PRO A 156 6.34 5.48 1.37
N LEU A 157 7.09 4.62 2.08
CA LEU A 157 7.27 4.76 3.54
C LEU A 157 7.92 6.15 3.83
N VAL A 158 8.95 6.48 3.05
CA VAL A 158 9.63 7.76 3.17
C VAL A 158 9.48 8.51 1.85
N ALA A 159 9.02 9.78 1.91
CA ALA A 159 8.89 10.67 0.74
C ALA A 159 10.24 10.76 -0.01
N PRO A 160 10.27 10.83 -1.36
CA PRO A 160 11.57 10.90 -2.07
C PRO A 160 12.36 12.18 -1.73
N GLU A 161 11.65 13.24 -1.31
CA GLU A 161 12.25 14.48 -0.89
C GLU A 161 13.00 14.32 0.45
N ASP A 162 12.52 13.43 1.31
CA ASP A 162 13.12 13.16 2.61
C ASP A 162 14.16 12.02 2.56
N LEU A 163 14.48 11.50 1.38
CA LEU A 163 15.52 10.48 1.27
C LEU A 163 16.59 10.85 0.21
N ARG A 164 16.60 12.12 -0.25
CA ARG A 164 17.59 12.56 -1.21
C ARG A 164 18.95 12.69 -0.53
N ASP A 165 20.02 12.45 -1.31
CA ASP A 165 21.40 12.66 -0.91
C ASP A 165 21.58 14.15 -0.60
N ASP A 166 22.28 14.45 0.51
CA ASP A 166 22.56 15.82 0.95
C ASP A 166 23.70 16.41 0.10
N ILE A 167 23.41 16.62 -1.20
CA ILE A 167 24.41 17.12 -2.12
C ILE A 167 24.01 18.44 -2.79
N ILE A 168 23.04 19.17 -2.23
CA ILE A 168 22.68 20.47 -2.79
C ILE A 168 23.18 21.58 -1.86
N GLU A 169 24.25 22.25 -2.27
CA GLU A 169 24.91 23.36 -1.58
C GLU A 169 23.92 24.35 -0.93
N ASN A 170 22.93 24.84 -1.69
CA ASN A 170 22.01 25.84 -1.15
C ASN A 170 20.63 25.29 -0.75
N ALA A 171 20.53 23.98 -0.59
CA ALA A 171 19.30 23.34 -0.11
C ALA A 171 19.71 22.10 0.65
N PRO A 172 20.17 22.27 1.91
CA PRO A 172 20.62 21.09 2.67
C PRO A 172 19.46 20.28 3.24
N THR A 173 19.68 18.97 3.45
CA THR A 173 18.65 18.12 4.01
C THR A 173 18.49 18.49 5.48
N THR A 174 17.32 19.05 5.88
CA THR A 174 17.06 19.49 7.26
C THR A 174 17.33 18.38 8.27
N HIS A 175 18.42 18.57 9.03
CA HIS A 175 18.93 17.61 10.01
C HIS A 175 18.13 17.55 11.32
N THR A 176 17.06 18.37 11.46
CA THR A 176 16.20 18.36 12.64
C THR A 176 15.26 17.15 12.65
N GLU A 177 14.89 16.71 13.85
CA GLU A 177 13.97 15.57 14.01
C GLU A 177 12.53 16.08 14.09
N GLU A 178 11.70 15.71 13.09
CA GLU A 178 10.29 16.09 13.06
C GLU A 178 9.47 14.81 13.10
N TYR A 179 8.95 14.47 14.29
CA TYR A 179 8.14 13.27 14.54
C TYR A 179 6.97 13.17 13.55
N SER A 180 6.11 14.20 13.51
CA SER A 180 4.95 14.20 12.63
C SER A 180 5.29 14.37 11.17
N GLY A 181 6.31 15.21 10.88
CA GLY A 181 6.82 15.46 9.54
C GLY A 181 7.38 14.22 8.89
N GLU A 182 7.96 13.30 9.68
CA GLU A 182 8.47 12.01 9.16
C GLU A 182 7.31 11.08 8.70
N GLU A 183 6.06 11.37 9.13
CA GLU A 183 4.86 10.61 8.79
C GLU A 183 4.02 11.37 7.72
N LYS A 184 4.66 12.12 6.82
CA LYS A 184 3.90 12.86 5.80
C LYS A 184 3.24 11.96 4.78
N THR A 185 3.84 10.79 4.44
CA THR A 185 3.26 9.93 3.43
C THR A 185 1.99 9.24 3.90
N TRP A 186 1.84 9.04 5.20
CA TRP A 186 0.60 8.47 5.72
C TRP A 186 -0.53 9.50 5.54
N MET A 187 -0.27 10.81 5.80
N MET A 187 -0.25 10.78 5.79
CA MET A 187 -1.34 11.82 5.61
CA MET A 187 -1.23 11.86 5.61
C MET A 187 -1.72 11.96 4.11
C MET A 187 -1.70 11.92 4.13
N TRP A 188 -0.76 11.65 3.19
CA TRP A 188 -1.03 11.67 1.76
C TRP A 188 -2.11 10.62 1.44
N TRP A 189 -1.95 9.42 2.00
CA TRP A 189 -2.86 8.32 1.86
C TRP A 189 -4.16 8.56 2.67
N HIS A 190 -4.07 9.03 3.91
CA HIS A 190 -5.22 9.26 4.77
C HIS A 190 -6.18 10.24 4.11
N ASN A 191 -5.68 11.39 3.70
CA ASN A 191 -6.49 12.37 3.00
C ASN A 191 -7.05 11.85 1.71
N PHE A 192 -6.30 10.99 0.99
CA PHE A 192 -6.78 10.47 -0.28
C PHE A 192 -7.98 9.53 -0.10
N ARG A 193 -7.93 8.64 0.90
CA ARG A 193 -9.04 7.72 1.12
C ARG A 193 -10.25 8.41 1.78
N THR A 194 -10.06 9.54 2.46
CA THR A 194 -11.16 10.30 3.07
C THR A 194 -11.96 10.93 1.94
N LEU A 195 -11.27 11.53 0.96
CA LEU A 195 -11.85 12.12 -0.24
C LEU A 195 -12.66 11.07 -1.04
N CYS A 196 -12.16 9.84 -1.10
CA CYS A 196 -12.76 8.72 -1.83
C CYS A 196 -13.76 7.88 -1.01
N ASP A 197 -14.15 8.39 0.18
CA ASP A 197 -15.14 7.85 1.10
C ASP A 197 -14.85 6.43 1.58
N TYR A 198 -13.57 6.13 1.86
CA TYR A 198 -13.11 4.82 2.34
C TYR A 198 -13.67 3.72 1.42
N SER A 199 -13.43 3.83 0.12
CA SER A 199 -13.94 2.86 -0.84
C SER A 199 -13.23 1.54 -0.60
N LYS A 200 -13.96 0.45 -0.45
CA LYS A 200 -13.33 -0.86 -0.25
C LYS A 200 -12.46 -1.29 -1.45
N ARG A 201 -12.55 -0.57 -2.56
CA ARG A 201 -11.75 -0.89 -3.74
C ARG A 201 -10.41 -0.14 -3.80
N ILE A 202 -10.12 0.72 -2.82
CA ILE A 202 -8.86 1.44 -2.78
C ILE A 202 -7.98 0.93 -1.63
N ALA A 203 -6.86 0.29 -1.98
CA ALA A 203 -5.91 -0.33 -1.07
C ALA A 203 -4.49 0.29 -1.21
N VAL A 204 -3.55 -0.03 -0.28
CA VAL A 204 -2.19 0.49 -0.31
C VAL A 204 -1.20 -0.49 -0.88
N ALA A 205 -0.34 0.03 -1.77
CA ALA A 205 0.81 -0.64 -2.33
C ALA A 205 1.97 0.16 -1.69
N LEU A 206 2.42 -0.28 -0.52
CA LEU A 206 3.43 0.44 0.23
C LEU A 206 4.86 0.18 -0.29
N GLU A 207 5.51 1.26 -0.72
CA GLU A 207 6.87 1.23 -1.25
C GLU A 207 7.91 1.31 -0.14
N ILE A 208 8.67 0.24 0.04
CA ILE A 208 9.72 0.19 1.07
C ILE A 208 11.03 0.78 0.52
N GLY A 209 11.65 1.67 1.29
CA GLY A 209 12.87 2.34 0.86
C GLY A 209 14.17 1.75 1.36
N ALA A 210 15.29 2.30 0.84
CA ALA A 210 16.67 1.88 1.12
C ALA A 210 17.01 1.85 2.63
N ASP A 211 16.68 2.93 3.35
CA ASP A 211 16.89 2.98 4.80
C ASP A 211 15.53 3.13 5.46
N LEU A 212 15.18 2.19 6.36
CA LEU A 212 13.89 2.23 7.03
C LEU A 212 13.71 3.47 7.88
N PRO A 213 12.51 4.06 7.86
CA PRO A 213 12.25 5.22 8.73
C PRO A 213 12.14 4.79 10.20
N SER A 214 11.88 5.76 11.11
CA SER A 214 11.67 5.47 12.52
C SER A 214 10.46 4.53 12.69
N ASN A 215 10.49 3.66 13.71
CA ASN A 215 9.42 2.70 13.93
C ASN A 215 8.04 3.33 14.07
N HIS A 216 7.93 4.58 14.58
CA HIS A 216 6.60 5.20 14.69
C HIS A 216 5.96 5.40 13.31
N VAL A 217 6.78 5.79 12.33
CA VAL A 217 6.42 6.00 10.94
C VAL A 217 5.92 4.68 10.35
N ILE A 218 6.57 3.57 10.67
CA ILE A 218 6.18 2.25 10.20
C ILE A 218 4.87 1.83 10.84
N ASP A 219 4.74 2.05 12.15
CA ASP A 219 3.54 1.76 12.93
C ASP A 219 2.29 2.53 12.46
N ARG A 220 2.51 3.66 11.78
CA ARG A 220 1.43 4.45 11.22
C ARG A 220 0.59 3.62 10.18
N TRP A 221 1.21 2.58 9.56
CA TRP A 221 0.57 1.75 8.55
C TRP A 221 -0.19 0.54 9.08
N LEU A 222 -0.20 0.36 10.39
CA LEU A 222 -0.95 -0.68 11.05
C LEU A 222 -2.45 -0.35 10.89
N GLY A 223 -3.24 -1.39 10.64
CA GLY A 223 -4.67 -1.22 10.44
C GLY A 223 -5.06 -0.58 9.12
N GLU A 224 -4.09 -0.44 8.20
CA GLU A 224 -4.37 0.13 6.89
C GLU A 224 -4.51 -1.01 5.88
N PRO A 225 -5.34 -0.85 4.82
CA PRO A 225 -5.52 -1.94 3.85
C PRO A 225 -4.33 -2.15 2.90
N ILE A 226 -3.22 -2.66 3.44
CA ILE A 226 -2.05 -2.92 2.62
C ILE A 226 -2.27 -4.21 1.87
N LYS A 227 -2.38 -4.13 0.57
CA LYS A 227 -2.56 -5.34 -0.25
C LYS A 227 -1.25 -5.77 -0.91
N ALA A 228 -0.30 -4.83 -1.10
CA ALA A 228 0.98 -5.14 -1.73
C ALA A 228 2.12 -4.41 -1.08
N ALA A 229 3.32 -5.02 -1.13
CA ALA A 229 4.55 -4.43 -0.60
C ALA A 229 5.60 -4.36 -1.72
N ILE A 230 6.00 -3.15 -2.09
CA ILE A 230 6.98 -2.95 -3.17
C ILE A 230 8.41 -2.92 -2.64
N LEU A 231 9.17 -4.00 -2.86
CA LEU A 231 10.58 -4.13 -2.49
C LEU A 231 11.42 -3.85 -3.73
N PRO A 232 12.09 -2.70 -3.82
CA PRO A 232 12.98 -2.46 -4.97
C PRO A 232 14.32 -3.15 -4.78
N THR A 233 14.88 -3.74 -5.85
CA THR A 233 16.18 -4.46 -5.82
C THR A 233 17.31 -3.69 -5.10
N SER A 234 17.32 -2.35 -5.21
CA SER A 234 18.33 -1.49 -4.59
C SER A 234 18.36 -1.52 -3.06
N ILE A 235 17.35 -2.12 -2.43
CA ILE A 235 17.32 -2.22 -0.96
C ILE A 235 18.00 -3.51 -0.46
N PHE A 236 18.39 -4.41 -1.38
CA PHE A 236 19.02 -5.68 -1.05
C PHE A 236 20.51 -5.55 -0.89
N LEU A 237 20.99 -5.84 0.31
CA LEU A 237 22.42 -5.82 0.59
C LEU A 237 22.98 -7.14 0.03
N THR A 238 24.05 -7.06 -0.73
CA THR A 238 24.68 -8.25 -1.30
C THR A 238 25.46 -8.99 -0.21
N ASN A 239 25.34 -10.32 -0.12
CA ASN A 239 26.05 -11.09 0.92
C ASN A 239 27.43 -11.61 0.42
N LYS A 240 28.08 -12.51 1.18
CA LYS A 240 29.37 -13.10 0.85
C LYS A 240 29.34 -13.87 -0.48
N LYS A 241 28.37 -14.77 -0.67
CA LYS A 241 28.28 -15.53 -1.92
C LYS A 241 27.75 -14.70 -3.12
N GLY A 242 27.48 -13.41 -2.92
CA GLY A 242 27.03 -12.51 -3.97
C GLY A 242 25.54 -12.50 -4.24
N PHE A 243 24.75 -13.02 -3.29
CA PHE A 243 23.30 -13.08 -3.41
C PHE A 243 22.57 -12.02 -2.57
N PRO A 244 21.44 -11.48 -3.08
CA PRO A 244 20.72 -10.42 -2.34
C PRO A 244 20.05 -10.87 -1.05
N VAL A 245 20.28 -10.11 0.03
CA VAL A 245 19.67 -10.34 1.35
C VAL A 245 19.15 -9.00 1.93
N LEU A 246 18.46 -9.00 3.08
CA LEU A 246 17.96 -7.78 3.70
C LEU A 246 18.43 -7.65 5.13
N SER A 247 18.51 -6.42 5.64
CA SER A 247 18.92 -6.18 7.03
C SER A 247 17.95 -6.82 8.02
N LYS A 248 18.38 -7.04 9.27
CA LYS A 248 17.47 -7.60 10.28
C LYS A 248 16.30 -6.66 10.60
N MET A 249 16.47 -5.34 10.38
CA MET A 249 15.38 -4.40 10.60
C MET A 249 14.34 -4.57 9.44
N HIS A 250 14.83 -4.76 8.21
CA HIS A 250 13.99 -4.98 7.02
C HIS A 250 13.31 -6.34 7.10
N GLN A 251 14.03 -7.36 7.59
CA GLN A 251 13.51 -8.72 7.72
C GLN A 251 12.31 -8.74 8.66
N ARG A 252 12.41 -7.99 9.79
CA ARG A 252 11.34 -7.90 10.77
C ARG A 252 10.08 -7.31 10.13
N LEU A 253 10.25 -6.28 9.27
CA LEU A 253 9.14 -5.68 8.55
C LEU A 253 8.51 -6.70 7.62
N ILE A 254 9.31 -7.45 6.85
CA ILE A 254 8.80 -8.52 5.98
C ILE A 254 7.93 -9.52 6.76
N PHE A 255 8.37 -9.88 7.97
CA PHE A 255 7.65 -10.80 8.85
C PHE A 255 6.33 -10.22 9.36
N ARG A 256 6.22 -8.89 9.45
CA ARG A 256 4.98 -8.22 9.86
C ARG A 256 4.01 -8.21 8.66
N LEU A 257 4.53 -7.99 7.45
CA LEU A 257 3.72 -8.00 6.25
C LEU A 257 3.24 -9.40 5.89
N LEU A 258 4.01 -10.44 6.23
CA LEU A 258 3.60 -11.81 5.97
C LEU A 258 2.37 -12.22 6.81
N LYS A 259 2.17 -11.58 7.98
CA LYS A 259 0.99 -11.82 8.79
C LYS A 259 -0.24 -11.23 8.08
N LEU A 260 -0.08 -10.05 7.43
CA LEU A 260 -1.15 -9.42 6.65
C LEU A 260 -1.39 -10.05 5.26
N GLU A 261 -0.61 -11.08 4.90
CA GLU A 261 -0.68 -11.80 3.63
C GLU A 261 -0.68 -10.87 2.39
N VAL A 262 0.24 -9.92 2.35
CA VAL A 262 0.35 -9.00 1.22
C VAL A 262 1.04 -9.68 0.02
N GLN A 263 0.91 -9.08 -1.17
CA GLN A 263 1.60 -9.62 -2.34
C GLN A 263 2.92 -8.85 -2.53
N PHE A 264 4.04 -9.57 -2.43
CA PHE A 264 5.34 -8.95 -2.59
C PHE A 264 5.62 -8.58 -4.03
N ILE A 265 6.07 -7.36 -4.27
CA ILE A 265 6.38 -6.88 -5.61
C ILE A 265 7.86 -6.56 -5.69
N ILE A 266 8.53 -6.99 -6.77
CA ILE A 266 9.95 -6.71 -6.96
C ILE A 266 10.03 -5.78 -8.13
N THR A 267 10.51 -4.56 -7.90
CA THR A 267 10.65 -3.59 -8.97
C THR A 267 12.12 -3.21 -9.21
N GLY A 268 12.41 -2.63 -10.37
CA GLY A 268 13.75 -2.20 -10.70
C GLY A 268 14.62 -3.25 -11.36
N THR A 269 15.77 -2.83 -11.86
CA THR A 269 16.69 -3.70 -12.58
C THR A 269 17.51 -4.64 -11.68
N ASN A 270 18.13 -5.68 -12.27
CA ASN A 270 18.94 -6.66 -11.55
C ASN A 270 20.29 -6.03 -11.17
N HIS A 271 20.52 -5.84 -9.88
CA HIS A 271 21.78 -5.28 -9.41
C HIS A 271 22.71 -6.32 -8.77
N HIS A 272 22.34 -7.61 -8.81
CA HIS A 272 23.18 -8.66 -8.27
C HIS A 272 23.63 -9.53 -9.44
N SER A 273 24.23 -8.86 -10.44
CA SER A 273 24.74 -9.46 -11.67
C SER A 273 26.12 -10.07 -11.44
N CYS A 278 13.71 -15.47 -9.55
CA CYS A 278 15.07 -14.96 -9.39
C CYS A 278 15.60 -15.14 -7.93
N SER A 279 16.73 -14.51 -7.61
CA SER A 279 17.35 -14.60 -6.30
C SER A 279 16.59 -13.82 -5.25
N TYR A 280 16.02 -12.67 -5.62
CA TYR A 280 15.23 -11.81 -4.72
C TYR A 280 13.97 -12.57 -4.26
N LEU A 281 13.31 -13.25 -5.19
CA LEU A 281 12.12 -14.03 -4.96
C LEU A 281 12.47 -15.24 -4.07
N GLN A 282 13.59 -15.89 -4.34
CA GLN A 282 14.06 -17.04 -3.55
C GLN A 282 14.42 -16.61 -2.12
N TYR A 283 14.91 -15.39 -1.93
CA TYR A 283 15.23 -14.89 -0.61
C TYR A 283 13.93 -14.69 0.19
N LEU A 284 12.87 -14.20 -0.47
CA LEU A 284 11.57 -14.00 0.14
C LEU A 284 10.99 -15.34 0.60
N GLU A 285 11.14 -16.39 -0.24
CA GLU A 285 10.65 -17.72 0.08
C GLU A 285 11.41 -18.31 1.27
N TYR A 286 12.73 -18.06 1.34
CA TYR A 286 13.58 -18.50 2.45
C TYR A 286 13.09 -17.84 3.74
N LEU A 287 12.81 -16.52 3.69
CA LEU A 287 12.28 -15.78 4.83
C LEU A 287 10.95 -16.35 5.29
N SER A 288 10.03 -16.58 4.35
CA SER A 288 8.71 -17.16 4.60
C SER A 288 8.80 -18.49 5.36
N GLN A 289 9.78 -19.33 4.99
CA GLN A 289 9.96 -20.62 5.66
C GLN A 289 10.62 -20.52 7.03
N ASN A 290 11.32 -19.41 7.30
CA ASN A 290 12.00 -19.23 8.57
C ASN A 290 11.21 -18.44 9.60
N ARG A 291 9.88 -18.48 9.50
CA ARG A 291 9.01 -17.82 10.46
C ARG A 291 8.57 -18.85 11.51
N PRO A 292 8.25 -18.42 12.74
CA PRO A 292 7.83 -19.39 13.77
C PRO A 292 6.57 -20.18 13.39
N PRO A 293 6.51 -21.47 13.77
CA PRO A 293 5.30 -22.26 13.45
C PRO A 293 4.09 -21.70 14.19
N PRO A 294 2.92 -21.66 13.51
CA PRO A 294 1.73 -21.07 14.14
C PRO A 294 1.18 -21.91 15.30
N ASN A 295 0.92 -21.28 16.46
CA ASN A 295 0.41 -21.99 17.61
C ASN A 295 -1.04 -22.50 17.40
N ALA A 296 -1.61 -23.20 18.38
CA ALA A 296 -2.98 -23.71 18.27
C ALA A 296 -4.00 -22.59 17.98
N TYR A 297 -3.99 -21.49 18.79
CA TYR A 297 -4.90 -20.36 18.59
C TYR A 297 -4.72 -19.77 17.19
N GLU A 298 -3.48 -19.60 16.75
CA GLU A 298 -3.13 -19.02 15.47
C GLU A 298 -3.62 -19.87 14.30
N LEU A 299 -3.46 -21.18 14.40
CA LEU A 299 -3.88 -22.11 13.35
C LEU A 299 -5.42 -22.29 13.34
N PHE A 300 -6.08 -22.11 14.49
CA PHE A 300 -7.53 -22.23 14.60
C PHE A 300 -8.20 -20.98 14.01
N ALA A 301 -7.77 -19.79 14.46
CA ALA A 301 -8.33 -18.51 14.03
C ALA A 301 -8.05 -18.15 12.58
N LYS A 302 -7.17 -18.91 11.89
CA LYS A 302 -6.87 -18.61 10.49
C LYS A 302 -8.13 -18.87 9.67
N GLY A 303 -8.54 -17.85 8.93
CA GLY A 303 -9.80 -17.86 8.20
C GLY A 303 -10.78 -16.86 8.80
N TYR A 304 -10.70 -16.66 10.12
CA TYR A 304 -11.58 -15.74 10.83
C TYR A 304 -11.03 -14.35 11.03
N GLU A 305 -9.82 -14.06 10.50
CA GLU A 305 -9.17 -12.76 10.61
C GLU A 305 -10.07 -11.60 10.20
N ASP A 306 -10.29 -10.66 11.10
CA ASP A 306 -11.13 -9.48 10.83
C ASP A 306 -12.50 -9.78 10.22
N TYR A 307 -13.06 -10.98 10.47
CA TYR A 307 -14.38 -11.39 10.01
C TYR A 307 -15.32 -11.05 11.13
N LEU A 308 -16.27 -10.16 10.90
CA LEU A 308 -17.21 -9.77 11.95
C LEU A 308 -18.35 -10.76 12.12
N GLN A 309 -18.49 -11.33 13.33
CA GLN A 309 -19.60 -12.21 13.68
C GLN A 309 -20.47 -11.54 14.74
N SER A 310 -21.71 -11.99 14.86
CA SER A 310 -22.62 -11.51 15.87
C SER A 310 -22.29 -12.18 17.22
N PRO A 311 -22.29 -11.42 18.34
CA PRO A 311 -22.08 -12.06 19.64
C PRO A 311 -23.27 -13.02 19.93
N LEU A 312 -22.99 -14.25 20.41
CA LEU A 312 -24.02 -15.23 20.72
C LEU A 312 -24.85 -14.79 21.92
N GLN A 313 -26.13 -15.14 21.92
CA GLN A 313 -26.98 -14.90 23.07
C GLN A 313 -27.57 -16.27 23.45
N PRO A 314 -26.80 -17.12 24.20
CA PRO A 314 -27.34 -18.43 24.62
C PRO A 314 -28.54 -18.33 25.55
N LEU A 315 -28.78 -17.19 26.21
CA LEU A 315 -29.93 -17.03 27.05
C LEU A 315 -31.21 -16.93 26.18
N MET A 316 -31.21 -15.98 25.23
CA MET A 316 -32.33 -15.68 24.32
C MET A 316 -32.51 -16.79 23.30
N ASP A 317 -31.43 -17.39 22.83
CA ASP A 317 -31.46 -18.39 21.77
C ASP A 317 -30.95 -19.73 22.22
N ASN A 318 -31.47 -20.78 21.61
CA ASN A 318 -30.99 -22.13 21.90
C ASN A 318 -29.79 -22.40 20.99
N LEU A 319 -28.62 -22.65 21.57
CA LEU A 319 -27.42 -22.89 20.76
C LEU A 319 -27.53 -24.16 19.99
N GLU A 320 -27.03 -24.18 18.76
CA GLU A 320 -27.06 -25.39 17.93
C GLU A 320 -26.10 -26.46 18.48
N SER A 321 -26.31 -27.70 18.11
CA SER A 321 -25.47 -28.82 18.52
C SER A 321 -24.01 -28.58 18.05
N GLN A 322 -23.79 -28.32 16.77
CA GLN A 322 -22.43 -28.06 16.26
C GLN A 322 -21.74 -26.87 16.94
N THR A 323 -22.52 -25.97 17.58
CA THR A 323 -21.97 -24.85 18.30
C THR A 323 -21.45 -25.31 19.67
N TYR A 324 -22.26 -26.10 20.41
CA TYR A 324 -21.89 -26.70 21.71
C TYR A 324 -20.63 -27.55 21.51
N GLU A 325 -20.55 -28.28 20.38
CA GLU A 325 -19.42 -29.11 20.04
C GLU A 325 -18.11 -28.31 20.01
N VAL A 326 -18.11 -27.12 19.37
CA VAL A 326 -16.88 -26.34 19.30
C VAL A 326 -16.52 -25.75 20.66
N PHE A 327 -17.51 -25.40 21.48
CA PHE A 327 -17.24 -24.91 22.82
C PHE A 327 -16.71 -25.99 23.76
N GLU A 328 -16.95 -27.27 23.42
CA GLU A 328 -16.49 -28.46 24.14
C GLU A 328 -15.09 -28.89 23.67
N LYS A 329 -14.64 -28.45 22.49
CA LYS A 329 -13.33 -28.77 21.96
C LYS A 329 -12.27 -27.74 22.39
N ASP A 330 -12.29 -27.39 23.67
CA ASP A 330 -11.33 -26.47 24.23
C ASP A 330 -10.75 -27.07 25.50
N PRO A 331 -9.76 -27.97 25.36
CA PRO A 331 -9.22 -28.65 26.54
C PRO A 331 -8.77 -27.74 27.67
N ILE A 332 -8.02 -26.66 27.37
CA ILE A 332 -7.49 -25.73 28.39
C ILE A 332 -8.57 -25.23 29.36
N LYS A 333 -9.69 -24.75 28.84
CA LYS A 333 -10.79 -24.22 29.65
C LYS A 333 -11.44 -25.29 30.53
N TYR A 334 -11.47 -26.54 30.06
CA TYR A 334 -12.07 -27.62 30.87
C TYR A 334 -11.07 -28.16 31.91
N SER A 335 -9.76 -28.15 31.59
CA SER A 335 -8.76 -28.53 32.59
C SER A 335 -8.68 -27.45 33.69
N GLN A 336 -8.85 -26.17 33.33
CA GLN A 336 -8.91 -25.09 34.29
C GLN A 336 -10.21 -25.16 35.11
N TYR A 337 -11.31 -25.62 34.52
CA TYR A 337 -12.57 -25.75 35.28
C TYR A 337 -12.47 -26.89 36.28
N GLN A 338 -11.87 -28.01 35.85
CA GLN A 338 -11.67 -29.18 36.70
C GLN A 338 -10.85 -28.81 37.96
N GLN A 339 -9.61 -28.29 37.77
CA GLN A 339 -8.74 -27.90 38.87
C GLN A 339 -9.36 -26.86 39.81
N ALA A 340 -10.29 -26.01 39.34
CA ALA A 340 -10.97 -25.05 40.22
C ALA A 340 -11.93 -25.76 41.16
N ILE A 341 -12.59 -26.82 40.67
CA ILE A 341 -13.51 -27.64 41.45
C ILE A 341 -12.71 -28.55 42.40
N TYR A 342 -11.59 -29.11 41.89
CA TYR A 342 -10.61 -29.95 42.60
C TYR A 342 -10.14 -29.26 43.87
N LYS A 343 -9.77 -27.98 43.77
CA LYS A 343 -9.30 -27.16 44.89
C LYS A 343 -10.44 -26.78 45.83
N CYS A 344 -11.64 -26.55 45.28
CA CYS A 344 -12.80 -26.20 46.11
C CYS A 344 -13.31 -27.40 46.93
N LEU A 345 -13.11 -28.62 46.40
CA LEU A 345 -13.56 -29.81 47.11
C LEU A 345 -12.63 -29.99 48.32
N LEU A 346 -11.32 -29.93 48.09
CA LEU A 346 -10.34 -30.05 49.15
C LEU A 346 -10.50 -28.96 50.21
N ASP A 347 -10.60 -27.69 49.79
CA ASP A 347 -10.75 -26.60 50.74
C ASP A 347 -12.12 -26.60 51.48
N ARG A 348 -13.03 -27.52 51.16
CA ARG A 348 -14.35 -27.56 51.80
C ARG A 348 -14.58 -28.83 52.62
N VAL A 349 -14.00 -29.96 52.16
CA VAL A 349 -14.15 -31.28 52.78
C VAL A 349 -12.80 -31.83 53.22
N PRO A 350 -12.50 -31.72 54.54
CA PRO A 350 -11.21 -32.24 55.05
C PRO A 350 -11.13 -33.76 54.99
N GLU A 351 -9.91 -34.33 54.84
CA GLU A 351 -9.71 -35.78 54.73
C GLU A 351 -10.44 -36.63 55.82
N GLU A 352 -10.72 -36.06 57.01
CA GLU A 352 -11.46 -36.78 58.05
C GLU A 352 -12.96 -36.92 57.74
N GLU A 353 -13.50 -36.01 56.92
CA GLU A 353 -14.87 -35.98 56.43
C GLU A 353 -15.03 -36.63 55.04
N LYS A 354 -13.96 -37.25 54.49
CA LYS A 354 -13.87 -37.88 53.17
C LYS A 354 -15.17 -38.53 52.67
N ASP A 355 -15.76 -39.44 53.47
CA ASP A 355 -17.01 -40.09 53.05
C ASP A 355 -18.26 -39.67 53.85
N THR A 356 -18.09 -38.82 54.86
CA THR A 356 -19.20 -38.33 55.67
C THR A 356 -19.93 -37.12 54.98
N ASN A 357 -19.17 -36.36 54.14
CA ASN A 357 -19.63 -35.16 53.44
C ASN A 357 -19.83 -35.35 51.95
N VAL A 358 -21.05 -35.07 51.48
CA VAL A 358 -21.44 -35.08 50.08
C VAL A 358 -21.74 -33.63 49.72
N GLN A 359 -21.02 -33.08 48.75
CA GLN A 359 -21.20 -31.68 48.34
C GLN A 359 -22.25 -31.57 47.25
N VAL A 360 -23.19 -30.63 47.40
CA VAL A 360 -24.24 -30.38 46.41
C VAL A 360 -23.69 -29.49 45.28
N LEU A 361 -23.23 -30.10 44.18
CA LEU A 361 -22.67 -29.39 43.02
C LEU A 361 -23.74 -29.19 41.93
N MET A 362 -24.09 -27.94 41.64
CA MET A 362 -25.07 -27.64 40.60
C MET A 362 -24.41 -26.95 39.41
N VAL A 363 -24.34 -27.62 38.26
CA VAL A 363 -23.83 -27.08 37.02
C VAL A 363 -24.99 -26.29 36.37
N LEU A 364 -25.10 -24.98 36.65
CA LEU A 364 -26.14 -24.13 36.08
C LEU A 364 -25.77 -23.75 34.64
N GLY A 365 -26.57 -24.17 33.66
CA GLY A 365 -26.26 -23.95 32.26
C GLY A 365 -25.31 -25.04 31.78
N ALA A 366 -25.75 -26.30 31.86
CA ALA A 366 -24.95 -27.50 31.61
C ALA A 366 -24.59 -27.84 30.16
N GLY A 367 -25.34 -27.31 29.18
CA GLY A 367 -25.06 -27.62 27.77
C GLY A 367 -25.17 -29.10 27.46
N ARG A 368 -24.24 -29.66 26.68
CA ARG A 368 -24.26 -31.09 26.38
C ARG A 368 -23.35 -31.90 27.37
N GLY A 369 -23.26 -31.42 28.61
CA GLY A 369 -22.52 -32.03 29.72
C GLY A 369 -20.99 -31.99 29.81
N PRO A 370 -20.27 -30.93 29.36
CA PRO A 370 -18.80 -30.93 29.51
C PRO A 370 -18.37 -30.49 30.92
N LEU A 371 -19.12 -29.56 31.55
CA LEU A 371 -18.83 -29.14 32.92
C LEU A 371 -19.22 -30.24 33.90
N VAL A 372 -20.30 -30.99 33.64
CA VAL A 372 -20.74 -32.08 34.49
C VAL A 372 -19.65 -33.16 34.54
N ASN A 373 -19.05 -33.45 33.39
CA ASN A 373 -17.95 -34.41 33.29
C ASN A 373 -16.71 -33.89 34.00
N ALA A 374 -16.43 -32.59 33.89
CA ALA A 374 -15.28 -32.00 34.57
C ALA A 374 -15.50 -32.05 36.09
N SER A 375 -16.75 -31.81 36.54
CA SER A 375 -17.15 -31.91 37.95
C SER A 375 -16.94 -33.35 38.44
N LEU A 376 -17.22 -34.34 37.58
CA LEU A 376 -16.99 -35.75 37.92
C LEU A 376 -15.49 -36.02 38.03
N ARG A 377 -14.69 -35.67 37.00
CA ARG A 377 -13.23 -35.86 36.99
C ARG A 377 -12.57 -35.21 38.22
N ALA A 378 -13.10 -34.04 38.65
CA ALA A 378 -12.61 -33.30 39.81
C ALA A 378 -12.96 -33.96 41.14
N ALA A 379 -13.95 -34.86 41.17
CA ALA A 379 -14.29 -35.60 42.39
C ALA A 379 -13.43 -36.86 42.51
N LYS A 380 -13.02 -37.46 41.38
CA LYS A 380 -12.16 -38.65 41.38
C LYS A 380 -10.76 -38.28 41.84
N GLN A 381 -10.25 -37.11 41.40
CA GLN A 381 -8.90 -36.71 41.77
C GLN A 381 -8.88 -36.02 43.14
N ALA A 382 -9.98 -35.36 43.56
CA ALA A 382 -10.04 -34.78 44.91
C ALA A 382 -10.56 -35.76 45.97
N ASP A 383 -11.01 -36.96 45.55
CA ASP A 383 -11.56 -38.05 46.35
C ASP A 383 -12.57 -37.61 47.40
N ARG A 384 -13.57 -36.80 46.99
CA ARG A 384 -14.65 -36.40 47.88
C ARG A 384 -16.02 -36.78 47.25
N ARG A 385 -17.08 -36.79 48.07
CA ARG A 385 -18.40 -37.18 47.58
C ARG A 385 -19.19 -36.00 47.05
N ILE A 386 -19.76 -36.14 45.84
CA ILE A 386 -20.53 -35.06 45.22
C ILE A 386 -21.90 -35.54 44.72
N LYS A 387 -22.88 -34.65 44.80
CA LYS A 387 -24.21 -34.89 44.33
C LYS A 387 -24.46 -33.82 43.28
N LEU A 388 -24.55 -34.22 42.00
CA LEU A 388 -24.70 -33.27 40.90
C LEU A 388 -26.15 -32.93 40.47
N TYR A 389 -26.30 -31.73 39.92
CA TYR A 389 -27.56 -31.25 39.33
C TYR A 389 -27.14 -30.58 38.05
N ALA A 390 -27.71 -30.98 36.91
CA ALA A 390 -27.36 -30.34 35.63
C ALA A 390 -28.51 -29.49 35.10
N VAL A 391 -28.63 -28.22 35.52
CA VAL A 391 -29.68 -27.33 35.05
C VAL A 391 -29.37 -26.82 33.64
N GLU A 392 -30.38 -26.79 32.73
CA GLU A 392 -30.25 -26.35 31.34
C GLU A 392 -31.63 -25.95 30.78
N LYS A 393 -31.75 -24.76 30.17
CA LYS A 393 -33.04 -24.32 29.61
C LYS A 393 -33.24 -24.74 28.15
N ASN A 394 -32.16 -24.87 27.38
CA ASN A 394 -32.25 -25.30 25.98
C ASN A 394 -32.68 -26.77 26.01
N PRO A 395 -33.92 -27.07 25.56
CA PRO A 395 -34.39 -28.46 25.64
C PRO A 395 -33.67 -29.43 24.71
N ASN A 396 -33.00 -28.91 23.70
CA ASN A 396 -32.31 -29.73 22.73
C ASN A 396 -31.05 -30.28 23.34
N ALA A 397 -30.30 -29.43 24.11
CA ALA A 397 -29.09 -29.87 24.83
C ALA A 397 -29.51 -30.88 25.90
N VAL A 398 -30.64 -30.61 26.61
CA VAL A 398 -31.25 -31.49 27.61
C VAL A 398 -31.47 -32.91 27.09
N VAL A 399 -31.64 -33.09 25.78
CA VAL A 399 -31.80 -34.41 25.19
C VAL A 399 -30.46 -35.14 25.29
N THR A 400 -29.36 -34.46 24.96
CA THR A 400 -28.00 -34.99 25.06
C THR A 400 -27.62 -35.31 26.52
N LEU A 401 -28.08 -34.44 27.43
CA LEU A 401 -27.86 -34.59 28.85
C LEU A 401 -28.56 -35.85 29.37
N GLU A 402 -29.88 -36.00 29.07
CA GLU A 402 -30.70 -37.13 29.51
C GLU A 402 -30.22 -38.45 28.92
N ASN A 403 -29.62 -38.43 27.73
CA ASN A 403 -29.06 -39.65 27.15
C ASN A 403 -27.70 -39.98 27.82
N TRP A 404 -26.96 -38.97 28.34
CA TRP A 404 -25.70 -39.16 29.07
C TRP A 404 -26.04 -39.75 30.44
N GLN A 405 -27.03 -39.17 31.13
CA GLN A 405 -27.52 -39.59 32.43
C GLN A 405 -28.02 -41.03 32.41
N PHE A 406 -28.54 -41.50 31.27
CA PHE A 406 -29.01 -42.85 31.14
C PHE A 406 -27.84 -43.77 30.87
N GLU A 407 -27.06 -43.50 29.83
CA GLU A 407 -25.99 -44.40 29.43
C GLU A 407 -24.77 -44.45 30.35
N GLU A 408 -24.45 -43.37 31.10
CA GLU A 408 -23.23 -43.37 31.92
C GLU A 408 -23.38 -42.81 33.35
N TRP A 409 -23.91 -41.59 33.48
CA TRP A 409 -23.95 -40.89 34.76
C TRP A 409 -24.79 -41.56 35.86
N GLY A 410 -26.06 -41.79 35.62
CA GLY A 410 -26.93 -42.38 36.63
C GLY A 410 -27.38 -41.42 37.71
N SER A 411 -27.88 -41.97 38.83
CA SER A 411 -28.40 -41.29 40.02
C SER A 411 -27.57 -40.12 40.56
N GLN A 412 -26.26 -40.10 40.28
CA GLN A 412 -25.40 -39.02 40.74
C GLN A 412 -25.83 -37.68 40.11
N VAL A 413 -26.06 -37.67 38.79
CA VAL A 413 -26.46 -36.47 38.05
C VAL A 413 -27.97 -36.38 37.92
N THR A 414 -28.55 -35.33 38.45
CA THR A 414 -29.98 -35.09 38.38
C THR A 414 -30.23 -34.00 37.31
N VAL A 415 -30.67 -34.41 36.11
CA VAL A 415 -30.91 -33.46 35.04
C VAL A 415 -32.16 -32.60 35.32
N VAL A 416 -32.02 -31.28 35.21
CA VAL A 416 -33.10 -30.33 35.43
C VAL A 416 -33.31 -29.53 34.15
N SER A 417 -34.47 -29.66 33.53
CA SER A 417 -34.76 -28.94 32.29
C SER A 417 -35.54 -27.70 32.66
N SER A 418 -34.83 -26.61 32.96
CA SER A 418 -35.44 -25.35 33.37
C SER A 418 -34.46 -24.16 33.23
N ASP A 419 -34.97 -22.93 33.42
CA ASP A 419 -34.16 -21.74 33.46
C ASP A 419 -33.72 -21.64 34.91
N MET A 420 -32.42 -21.47 35.15
CA MET A 420 -31.88 -21.36 36.50
C MET A 420 -32.54 -20.26 37.34
N ARG A 421 -33.16 -19.27 36.70
CA ARG A 421 -33.84 -18.19 37.42
C ARG A 421 -35.29 -18.50 37.81
N GLU A 422 -35.80 -19.65 37.36
CA GLU A 422 -37.15 -20.10 37.61
C GLU A 422 -37.15 -21.30 38.56
N TRP A 423 -36.20 -22.22 38.34
CA TRP A 423 -36.03 -23.43 39.11
C TRP A 423 -36.20 -23.31 40.60
N VAL A 424 -37.04 -24.18 41.18
CA VAL A 424 -37.27 -24.26 42.62
C VAL A 424 -36.55 -25.53 43.07
N ALA A 425 -35.23 -25.40 43.35
CA ALA A 425 -34.35 -26.50 43.74
C ALA A 425 -34.80 -27.29 44.97
N PRO A 426 -34.54 -28.60 44.99
CA PRO A 426 -34.93 -29.41 46.17
C PRO A 426 -34.17 -29.03 47.45
N GLU A 427 -32.84 -28.91 47.38
CA GLU A 427 -32.03 -28.42 48.50
C GLU A 427 -31.01 -27.36 48.02
N LYS A 428 -30.40 -26.60 48.96
CA LYS A 428 -29.41 -25.59 48.59
C LYS A 428 -28.10 -26.22 48.11
N ALA A 429 -27.28 -25.44 47.37
CA ALA A 429 -26.04 -25.97 46.82
C ALA A 429 -24.79 -25.53 47.54
N ASP A 430 -23.78 -26.41 47.52
CA ASP A 430 -22.47 -26.09 48.10
C ASP A 430 -21.62 -25.34 47.07
N ILE A 431 -21.72 -25.74 45.79
CA ILE A 431 -20.99 -25.13 44.71
C ILE A 431 -21.86 -24.99 43.45
N ILE A 432 -22.02 -23.75 42.94
CA ILE A 432 -22.70 -23.52 41.67
C ILE A 432 -21.63 -23.27 40.63
N VAL A 433 -21.63 -24.03 39.56
CA VAL A 433 -20.64 -23.90 38.49
C VAL A 433 -21.37 -23.42 37.23
N SER A 434 -20.75 -22.53 36.43
CA SER A 434 -21.35 -22.01 35.20
C SER A 434 -20.32 -21.56 34.18
N GLU A 435 -20.70 -21.52 32.90
CA GLU A 435 -19.87 -21.13 31.76
C GLU A 435 -20.74 -20.14 30.96
N LEU A 436 -21.24 -19.10 31.61
CA LEU A 436 -22.17 -18.13 30.98
C LEU A 436 -21.50 -16.82 30.50
N LEU A 437 -20.21 -16.88 30.17
CA LEU A 437 -19.48 -15.66 29.82
C LEU A 437 -19.25 -15.45 28.38
N GLY A 438 -19.45 -14.20 27.95
CA GLY A 438 -19.15 -13.79 26.58
C GLY A 438 -17.79 -13.12 26.47
N SER A 439 -17.41 -12.71 25.27
CA SER A 439 -16.12 -12.05 25.05
C SER A 439 -15.93 -10.77 25.86
N PHE A 440 -17.03 -10.10 26.22
CA PHE A 440 -16.98 -8.91 27.10
C PHE A 440 -17.42 -9.25 28.55
N ALA A 441 -17.17 -10.49 28.95
CA ALA A 441 -17.51 -11.20 30.18
C ALA A 441 -19.03 -11.25 30.42
N ASP A 442 -19.70 -10.14 30.82
CA ASP A 442 -21.10 -10.08 31.19
C ASP A 442 -22.08 -9.94 29.99
N ASN A 443 -21.59 -10.06 28.72
CA ASN A 443 -22.43 -9.87 27.54
C ASN A 443 -23.40 -11.03 27.24
N GLU A 444 -23.18 -12.25 27.78
CA GLU A 444 -24.20 -13.31 27.68
C GLU A 444 -25.17 -13.23 28.89
N LEU A 445 -25.07 -12.21 29.76
CA LEU A 445 -25.96 -11.99 30.90
C LEU A 445 -25.75 -12.94 32.12
N SER A 446 -24.50 -13.32 32.41
CA SER A 446 -24.19 -14.10 33.62
C SER A 446 -24.64 -13.34 34.91
N PRO A 447 -24.33 -12.04 35.08
CA PRO A 447 -24.85 -11.31 36.27
C PRO A 447 -26.34 -11.54 36.59
N GLU A 448 -27.21 -11.63 35.58
CA GLU A 448 -28.64 -11.83 35.83
C GLU A 448 -28.95 -13.31 36.08
N CYS A 449 -28.30 -14.19 35.34
CA CYS A 449 -28.52 -15.61 35.47
C CYS A 449 -28.09 -16.15 36.85
N LEU A 450 -26.86 -15.83 37.31
CA LEU A 450 -26.42 -16.28 38.63
C LEU A 450 -27.09 -15.51 39.77
N ASP A 451 -27.57 -14.28 39.54
CA ASP A 451 -28.33 -13.56 40.58
C ASP A 451 -29.64 -14.29 40.85
N GLY A 452 -30.29 -14.78 39.80
CA GLY A 452 -31.54 -15.51 39.95
C GLY A 452 -31.38 -16.87 40.58
N ALA A 453 -30.17 -17.42 40.54
CA ALA A 453 -29.84 -18.69 41.17
C ALA A 453 -29.11 -18.50 42.51
N GLN A 454 -29.10 -17.28 43.07
CA GLN A 454 -28.35 -17.00 44.29
C GLN A 454 -29.09 -17.41 45.55
N HIS A 455 -30.43 -17.35 45.54
CA HIS A 455 -31.25 -17.71 46.68
C HIS A 455 -31.04 -19.17 47.06
N PHE A 456 -30.86 -20.07 46.07
CA PHE A 456 -30.65 -21.47 46.40
C PHE A 456 -29.18 -21.85 46.61
N LEU A 457 -28.33 -20.85 46.87
CA LEU A 457 -26.94 -21.11 47.24
C LEU A 457 -26.84 -21.05 48.80
N LYS A 458 -26.06 -21.98 49.38
CA LYS A 458 -25.84 -22.01 50.83
C LYS A 458 -25.22 -20.68 51.30
N ASP A 459 -25.52 -20.21 52.53
CA ASP A 459 -24.98 -18.94 53.00
C ASP A 459 -23.42 -18.87 53.08
N ASP A 460 -22.77 -19.95 52.65
CA ASP A 460 -21.33 -20.15 52.59
C ASP A 460 -20.91 -20.88 51.29
N GLY A 461 -21.74 -20.86 50.26
CA GLY A 461 -21.48 -21.57 49.02
C GLY A 461 -20.49 -20.86 48.13
N VAL A 462 -19.83 -21.61 47.24
CA VAL A 462 -18.87 -21.06 46.30
C VAL A 462 -19.45 -21.06 44.86
N SER A 463 -19.35 -19.91 44.15
CA SER A 463 -19.72 -19.85 42.74
C SER A 463 -18.43 -19.99 41.94
N ILE A 464 -18.46 -20.78 40.88
CA ILE A 464 -17.33 -20.91 39.97
C ILE A 464 -17.90 -20.54 38.58
N PRO A 465 -17.57 -19.34 38.04
CA PRO A 465 -16.58 -18.38 38.55
C PRO A 465 -17.09 -17.45 39.63
N GLY A 466 -16.17 -16.98 40.46
CA GLY A 466 -16.49 -16.07 41.55
C GLY A 466 -16.36 -14.61 41.16
N GLU A 467 -15.61 -14.33 40.08
CA GLU A 467 -15.42 -12.95 39.64
C GLU A 467 -15.09 -12.89 38.17
N TYR A 468 -15.55 -11.84 37.50
CA TYR A 468 -15.14 -11.60 36.10
C TYR A 468 -15.11 -10.11 35.83
N THR A 469 -14.15 -9.70 35.01
CA THR A 469 -13.94 -8.29 34.70
C THR A 469 -13.74 -8.17 33.19
N SER A 470 -14.41 -7.17 32.61
CA SER A 470 -14.26 -6.86 31.20
C SER A 470 -13.10 -5.83 31.04
N PHE A 471 -12.47 -5.79 29.87
CA PHE A 471 -11.39 -4.87 29.57
C PHE A 471 -11.70 -4.18 28.25
N LEU A 472 -11.12 -3.00 28.02
CA LEU A 472 -11.28 -2.23 26.80
C LEU A 472 -9.97 -1.59 26.40
N ALA A 473 -9.66 -1.56 25.13
CA ALA A 473 -8.44 -0.91 24.62
C ALA A 473 -8.81 -0.23 23.31
N PRO A 474 -8.51 1.09 23.14
CA PRO A 474 -8.85 1.78 21.88
C PRO A 474 -8.04 1.26 20.70
N ILE A 475 -8.63 1.20 19.49
CA ILE A 475 -7.97 0.67 18.30
C ILE A 475 -8.16 1.52 17.04
N SER A 476 -7.23 1.34 16.10
CA SER A 476 -7.26 1.91 14.78
C SER A 476 -7.26 0.77 13.83
N SER A 477 -8.25 0.73 12.95
CA SER A 477 -8.31 -0.25 11.89
C SER A 477 -9.27 0.22 10.85
N SER A 478 -8.76 0.88 9.82
CA SER A 478 -9.60 1.29 8.68
C SER A 478 -10.17 0.06 7.98
N LYS A 479 -9.45 -1.09 8.03
CA LYS A 479 -9.93 -2.35 7.46
C LYS A 479 -11.22 -2.77 8.19
N LEU A 480 -11.24 -2.73 9.54
CA LEU A 480 -12.41 -3.09 10.34
C LEU A 480 -13.49 -2.04 10.29
N TYR A 481 -13.11 -0.76 10.24
CA TYR A 481 -14.08 0.32 10.09
C TYR A 481 -14.82 0.16 8.75
N ASN A 482 -14.08 -0.19 7.69
CA ASN A 482 -14.70 -0.41 6.41
C ASN A 482 -15.60 -1.63 6.44
N GLU A 483 -15.22 -2.68 7.14
CA GLU A 483 -16.00 -3.90 7.32
C GLU A 483 -17.32 -3.67 8.07
N VAL A 484 -17.32 -2.74 9.04
CA VAL A 484 -18.55 -2.42 9.78
C VAL A 484 -19.50 -1.63 8.91
N ARG A 485 -18.99 -0.76 8.01
CA ARG A 485 -19.81 0.02 7.07
C ARG A 485 -20.58 -0.93 6.16
N ALA A 486 -19.86 -1.93 5.62
CA ALA A 486 -20.41 -2.96 4.73
C ALA A 486 -21.60 -3.72 5.31
N CYS A 487 -21.81 -3.62 6.61
CA CYS A 487 -22.89 -4.28 7.32
C CYS A 487 -24.17 -3.48 7.32
N ARG A 488 -24.32 -2.45 6.45
CA ARG A 488 -25.59 -1.74 6.40
C ARG A 488 -26.65 -2.67 5.81
N GLU A 489 -27.85 -2.64 6.37
CA GLU A 489 -28.94 -3.47 5.90
C GLU A 489 -30.17 -2.62 5.69
N LYS A 490 -31.04 -3.08 4.82
CA LYS A 490 -32.28 -2.39 4.54
C LYS A 490 -33.29 -2.65 5.66
N ASP A 491 -34.30 -1.76 5.75
CA ASP A 491 -35.38 -1.85 6.75
C ASP A 491 -34.90 -1.64 8.18
N ARG A 492 -33.83 -0.88 8.36
CA ARG A 492 -33.33 -0.55 9.68
C ARG A 492 -32.58 0.80 9.63
N ASP A 493 -31.97 1.23 10.75
CA ASP A 493 -31.19 2.45 10.76
C ASP A 493 -29.98 2.26 9.84
N PRO A 494 -29.77 3.23 8.92
CA PRO A 494 -28.57 3.17 8.05
C PRO A 494 -27.25 3.18 8.84
N GLU A 495 -27.29 3.57 10.12
CA GLU A 495 -26.09 3.65 10.95
C GLU A 495 -26.02 2.65 12.11
N ALA A 496 -27.04 1.79 12.23
CA ALA A 496 -27.17 0.78 13.27
C ALA A 496 -25.99 -0.13 13.32
N GLN A 497 -25.37 -0.43 12.17
CA GLN A 497 -24.20 -1.29 12.12
C GLN A 497 -23.06 -0.77 12.99
N PHE A 498 -23.06 0.54 13.35
CA PHE A 498 -21.99 1.08 14.21
C PHE A 498 -22.36 1.12 15.70
N GLU A 499 -23.59 0.73 16.05
CA GLU A 499 -24.08 0.80 17.42
C GLU A 499 -24.33 -0.63 17.96
N MET A 500 -23.41 -1.55 17.62
CA MET A 500 -23.54 -2.93 18.11
C MET A 500 -22.17 -3.60 18.18
N PRO A 501 -21.92 -4.41 19.20
CA PRO A 501 -20.63 -5.09 19.29
C PRO A 501 -20.54 -6.25 18.31
N TYR A 502 -19.33 -6.64 17.96
CA TYR A 502 -19.08 -7.73 17.04
C TYR A 502 -18.03 -8.60 17.63
N VAL A 503 -18.17 -9.89 17.51
CA VAL A 503 -17.10 -10.78 17.92
C VAL A 503 -16.24 -10.88 16.69
N VAL A 504 -14.95 -10.64 16.84
CA VAL A 504 -14.03 -10.69 15.71
C VAL A 504 -12.61 -10.99 16.15
N ARG A 505 -11.89 -11.80 15.34
CA ARG A 505 -10.48 -12.08 15.57
C ARG A 505 -9.74 -10.92 14.92
N LEU A 506 -9.55 -9.82 15.65
CA LEU A 506 -8.85 -8.61 15.21
C LEU A 506 -7.47 -8.99 14.71
N HIS A 507 -7.08 -8.46 13.55
CA HIS A 507 -5.83 -8.86 12.93
C HIS A 507 -5.09 -7.71 12.22
N ASN A 508 -5.72 -7.09 11.21
CA ASN A 508 -5.12 -5.95 10.53
C ASN A 508 -5.52 -4.73 11.37
N PHE A 509 -4.80 -4.50 12.47
CA PHE A 509 -5.15 -3.41 13.37
C PHE A 509 -3.98 -2.92 14.22
N HIS A 510 -4.19 -1.80 14.90
CA HIS A 510 -3.24 -1.15 15.76
C HIS A 510 -3.94 -0.82 17.05
N GLN A 511 -3.41 -1.27 18.18
CA GLN A 511 -4.00 -0.96 19.47
C GLN A 511 -3.27 0.23 20.09
N LEU A 512 -3.97 1.36 20.12
CA LEU A 512 -3.51 2.68 20.52
C LEU A 512 -3.27 2.90 22.01
N SER A 513 -3.66 1.97 22.87
CA SER A 513 -3.42 2.09 24.32
C SER A 513 -3.72 0.75 24.98
N ALA A 514 -3.01 0.41 26.05
CA ALA A 514 -3.16 -0.88 26.73
C ALA A 514 -4.53 -1.08 27.39
N PRO A 515 -5.04 -2.34 27.43
CA PRO A 515 -6.37 -2.57 28.02
C PRO A 515 -6.52 -2.12 29.45
N GLN A 516 -7.64 -1.50 29.75
CA GLN A 516 -7.95 -1.08 31.12
C GLN A 516 -9.24 -1.79 31.56
N PRO A 517 -9.42 -2.08 32.87
CA PRO A 517 -10.64 -2.79 33.30
C PRO A 517 -11.88 -1.93 33.12
N CYS A 518 -13.01 -2.54 32.79
CA CYS A 518 -14.23 -1.80 32.51
C CYS A 518 -15.33 -2.06 33.56
N PHE A 519 -15.91 -3.27 33.56
CA PHE A 519 -17.00 -3.66 34.44
C PHE A 519 -16.61 -4.89 35.18
N THR A 520 -16.96 -4.93 36.46
CA THR A 520 -16.60 -6.06 37.30
C THR A 520 -17.81 -6.67 37.98
N PHE A 521 -17.94 -8.01 37.92
CA PHE A 521 -19.01 -8.71 38.62
C PHE A 521 -18.45 -9.78 39.51
N SER A 522 -19.05 -9.88 40.70
CA SER A 522 -18.69 -10.84 41.75
C SER A 522 -19.89 -11.75 42.08
N HIS A 523 -19.61 -13.03 42.42
CA HIS A 523 -20.61 -14.04 42.80
C HIS A 523 -20.13 -14.91 43.98
N PRO A 524 -20.93 -14.97 45.06
CA PRO A 524 -22.25 -14.33 45.26
C PRO A 524 -22.20 -12.84 45.56
N ASN A 525 -23.34 -12.17 45.49
CA ASN A 525 -23.45 -10.73 45.65
C ASN A 525 -24.15 -10.30 46.93
N ARG A 526 -23.33 -10.00 47.94
CA ARG A 526 -23.81 -9.61 49.25
C ARG A 526 -23.96 -8.09 49.44
N ASP A 527 -23.87 -7.30 48.36
CA ASP A 527 -23.99 -5.84 48.47
C ASP A 527 -25.45 -5.45 48.72
N PRO A 528 -25.71 -4.49 49.64
CA PRO A 528 -27.10 -4.10 49.91
C PRO A 528 -27.63 -3.33 48.72
N MET A 529 -28.60 -3.93 48.00
CA MET A 529 -29.17 -3.37 46.78
C MET A 529 -28.06 -3.28 45.73
N ILE A 530 -27.52 -4.48 45.36
CA ILE A 530 -26.41 -4.71 44.43
C ILE A 530 -26.46 -3.83 43.14
N ASP A 531 -27.44 -4.08 42.23
CA ASP A 531 -27.64 -3.41 40.94
C ASP A 531 -26.56 -3.79 39.90
N ASN A 532 -26.98 -4.37 38.77
CA ASN A 532 -26.09 -4.80 37.68
C ASN A 532 -25.80 -3.73 36.60
N ASN A 533 -26.49 -2.58 36.68
CA ASN A 533 -26.28 -1.46 35.78
C ASN A 533 -24.94 -0.84 36.13
N ARG A 534 -24.24 -0.34 35.14
CA ARG A 534 -22.93 0.24 35.32
C ARG A 534 -22.73 1.55 34.53
N TYR A 535 -21.65 2.29 34.86
CA TYR A 535 -21.17 3.51 34.21
C TYR A 535 -19.67 3.65 34.53
N CYS A 536 -18.81 3.53 33.52
CA CYS A 536 -17.36 3.59 33.74
C CYS A 536 -16.68 4.56 32.79
N THR A 537 -15.74 5.37 33.29
CA THR A 537 -14.99 6.29 32.44
C THR A 537 -13.51 5.87 32.36
N LEU A 538 -12.96 5.63 31.16
CA LEU A 538 -11.56 5.22 31.04
C LEU A 538 -10.75 6.23 30.26
N GLU A 539 -9.54 6.57 30.73
CA GLU A 539 -8.66 7.51 30.06
C GLU A 539 -7.45 6.78 29.48
N PHE A 540 -7.34 6.84 28.17
CA PHE A 540 -6.29 6.13 27.44
C PHE A 540 -5.20 7.04 26.92
N PRO A 541 -3.99 6.94 27.50
CA PRO A 541 -2.88 7.77 27.02
C PRO A 541 -2.38 7.23 25.70
N VAL A 542 -2.42 8.07 24.68
CA VAL A 542 -2.01 7.74 23.32
C VAL A 542 -0.63 8.36 22.95
N GLU A 543 0.39 7.50 22.77
CA GLU A 543 1.75 7.92 22.46
C GLU A 543 2.00 8.13 20.97
N VAL A 544 1.04 7.86 20.09
CA VAL A 544 1.25 8.02 18.65
C VAL A 544 0.20 8.92 17.99
N ASN A 545 0.45 9.34 16.74
CA ASN A 545 -0.55 10.07 15.96
C ASN A 545 -1.38 8.96 15.31
N THR A 546 -2.73 9.07 15.26
CA THR A 546 -3.57 7.98 14.73
C THR A 546 -5.04 8.40 14.42
N VAL A 547 -5.89 7.43 13.98
CA VAL A 547 -7.33 7.57 13.72
C VAL A 547 -8.05 6.46 14.51
N LEU A 548 -8.89 6.83 15.50
CA LEU A 548 -9.60 5.85 16.33
C LEU A 548 -10.86 5.40 15.64
N HIS A 549 -11.06 4.06 15.52
CA HIS A 549 -12.24 3.48 14.88
C HIS A 549 -13.15 2.65 15.83
N GLY A 550 -12.60 2.17 16.92
CA GLY A 550 -13.32 1.33 17.84
C GLY A 550 -12.58 1.01 19.09
N PHE A 551 -13.15 0.13 19.88
CA PHE A 551 -12.60 -0.29 21.15
C PHE A 551 -12.66 -1.79 21.19
N ALA A 552 -11.51 -2.44 21.28
CA ALA A 552 -11.46 -3.89 21.47
C ALA A 552 -11.91 -4.16 22.91
N GLY A 553 -12.79 -5.13 23.08
CA GLY A 553 -13.22 -5.57 24.39
C GLY A 553 -12.64 -6.94 24.64
N TYR A 554 -12.21 -7.20 25.86
CA TYR A 554 -11.61 -8.48 26.26
C TYR A 554 -12.14 -8.81 27.64
N PHE A 555 -11.73 -9.95 28.21
CA PHE A 555 -12.20 -10.28 29.55
C PHE A 555 -11.20 -11.11 30.33
N GLU A 556 -11.40 -11.13 31.64
CA GLU A 556 -10.66 -11.94 32.57
C GLU A 556 -11.62 -12.50 33.60
N THR A 557 -11.40 -13.76 34.05
CA THR A 557 -12.28 -14.34 35.08
C THR A 557 -11.53 -15.17 36.09
N VAL A 558 -11.96 -15.06 37.33
CA VAL A 558 -11.43 -15.82 38.43
C VAL A 558 -12.45 -16.94 38.67
N LEU A 559 -12.06 -18.17 38.33
CA LEU A 559 -12.92 -19.32 38.56
C LEU A 559 -12.88 -19.58 40.06
N TYR A 560 -11.66 -19.88 40.59
CA TYR A 560 -11.40 -20.15 42.01
C TYR A 560 -9.96 -19.80 42.35
N GLN A 561 -9.78 -18.84 43.30
CA GLN A 561 -8.47 -18.42 43.80
C GLN A 561 -7.46 -18.10 42.67
N ASP A 562 -6.41 -18.92 42.46
CA ASP A 562 -5.42 -18.67 41.41
C ASP A 562 -5.76 -19.37 40.09
N ILE A 563 -6.96 -19.96 39.97
CA ILE A 563 -7.35 -20.62 38.74
C ILE A 563 -8.21 -19.61 38.02
N THR A 564 -7.72 -19.16 36.88
CA THR A 564 -8.34 -18.09 36.13
C THR A 564 -8.37 -18.38 34.63
N LEU A 565 -9.22 -17.64 33.91
CA LEU A 565 -9.21 -17.70 32.46
C LEU A 565 -9.11 -16.27 31.96
N SER A 566 -8.51 -16.09 30.81
CA SER A 566 -8.30 -14.77 30.25
C SER A 566 -8.24 -14.70 28.74
N ILE A 567 -8.81 -13.64 28.17
CA ILE A 567 -8.62 -13.36 26.76
C ILE A 567 -7.93 -11.99 26.56
N ARG A 568 -7.45 -11.35 27.67
CA ARG A 568 -6.68 -10.11 27.62
C ARG A 568 -5.36 -10.50 26.98
N PRO A 569 -4.98 -9.83 25.88
CA PRO A 569 -3.80 -10.30 25.12
C PRO A 569 -2.54 -10.51 25.94
N GLU A 570 -2.30 -9.62 26.92
CA GLU A 570 -1.10 -9.69 27.75
C GLU A 570 -1.13 -10.75 28.83
N THR A 571 -2.28 -11.39 29.08
CA THR A 571 -2.42 -12.46 30.08
C THR A 571 -3.19 -13.66 29.55
N HIS A 572 -3.28 -13.78 28.22
CA HIS A 572 -4.03 -14.80 27.54
C HIS A 572 -3.71 -16.20 27.97
N SER A 573 -4.76 -16.99 28.28
CA SER A 573 -4.65 -18.38 28.67
C SER A 573 -4.21 -19.12 27.41
N PRO A 574 -3.03 -19.75 27.38
CA PRO A 574 -2.54 -20.33 26.12
C PRO A 574 -3.39 -21.49 25.63
N GLY A 575 -3.55 -21.59 24.31
CA GLY A 575 -4.35 -22.63 23.67
C GLY A 575 -5.85 -22.53 23.92
N MET A 576 -6.35 -21.34 24.33
CA MET A 576 -7.78 -21.18 24.61
C MET A 576 -8.53 -20.57 23.43
N PHE A 577 -9.21 -21.42 22.67
CA PHE A 577 -9.94 -21.06 21.45
C PHE A 577 -11.34 -20.52 21.69
N SER A 578 -11.94 -20.85 22.82
CA SER A 578 -13.34 -20.52 23.12
C SER A 578 -13.83 -19.08 22.95
N TRP A 579 -12.96 -18.07 22.85
CA TRP A 579 -13.42 -16.70 22.67
C TRP A 579 -12.47 -15.86 21.83
N PHE A 580 -13.02 -14.87 21.12
CA PHE A 580 -12.31 -13.88 20.31
C PHE A 580 -12.71 -12.52 20.89
N PRO A 581 -11.90 -11.46 20.67
CA PRO A 581 -12.27 -10.14 21.21
C PRO A 581 -13.57 -9.61 20.62
N ILE A 582 -14.24 -8.76 21.38
CA ILE A 582 -15.40 -8.06 20.92
C ILE A 582 -14.88 -6.71 20.32
N LEU A 583 -15.70 -6.06 19.48
CA LEU A 583 -15.36 -4.81 18.84
C LEU A 583 -16.54 -3.91 19.03
N PHE A 584 -16.31 -2.79 19.66
CA PHE A 584 -17.31 -1.79 19.90
C PHE A 584 -16.91 -0.65 18.95
N PRO A 585 -17.65 -0.43 17.87
CA PRO A 585 -17.26 0.61 16.91
C PRO A 585 -17.85 1.98 17.23
N ILE A 586 -17.38 3.01 16.47
CA ILE A 586 -17.89 4.37 16.50
C ILE A 586 -18.23 4.79 15.05
N LYS A 587 -19.36 5.50 14.89
CA LYS A 587 -19.89 6.01 13.66
C LYS A 587 -18.86 6.81 12.84
N GLN A 588 -18.13 7.73 13.49
CA GLN A 588 -17.16 8.56 12.83
C GLN A 588 -15.79 8.38 13.42
N PRO A 589 -14.77 8.20 12.57
CA PRO A 589 -13.40 8.06 13.09
C PRO A 589 -12.92 9.35 13.76
N ILE A 590 -12.02 9.22 14.71
CA ILE A 590 -11.55 10.36 15.49
C ILE A 590 -10.06 10.46 15.41
N THR A 591 -9.57 11.62 14.90
CA THR A 591 -8.15 11.90 14.81
C THR A 591 -7.60 12.07 16.20
N VAL A 592 -6.50 11.37 16.49
CA VAL A 592 -5.82 11.53 17.78
C VAL A 592 -4.33 11.89 17.55
N ARG A 593 -3.86 13.02 18.07
CA ARG A 593 -2.46 13.41 17.98
C ARG A 593 -1.64 12.79 19.12
N GLU A 594 -0.32 12.65 18.92
CA GLU A 594 0.56 12.11 19.97
C GLU A 594 0.51 13.00 21.21
N GLY A 595 0.37 12.37 22.37
CA GLY A 595 0.23 13.10 23.63
C GLY A 595 -1.22 13.26 24.09
N GLN A 596 -2.19 13.12 23.19
CA GLN A 596 -3.59 13.24 23.55
C GLN A 596 -4.13 12.02 24.28
N THR A 597 -5.17 12.25 25.10
CA THR A 597 -5.79 11.16 25.83
C THR A 597 -7.15 10.85 25.20
N ILE A 598 -7.45 9.56 24.96
CA ILE A 598 -8.77 9.14 24.48
C ILE A 598 -9.60 8.81 25.73
N CYS A 599 -10.66 9.59 26.00
CA CYS A 599 -11.51 9.37 27.17
C CYS A 599 -12.83 8.72 26.69
N VAL A 600 -13.09 7.45 27.07
CA VAL A 600 -14.33 6.78 26.70
C VAL A 600 -15.24 6.58 27.91
N ARG A 601 -16.53 6.50 27.67
CA ARG A 601 -17.49 6.26 28.71
C ARG A 601 -18.26 5.03 28.27
N PHE A 602 -18.57 4.13 29.18
CA PHE A 602 -19.36 2.95 28.84
C PHE A 602 -20.42 2.75 29.86
N TRP A 603 -21.62 2.41 29.40
CA TRP A 603 -22.71 2.15 30.33
C TRP A 603 -23.20 0.75 30.13
N ARG A 604 -23.68 0.14 31.20
CA ARG A 604 -24.36 -1.15 31.11
C ARG A 604 -25.74 -0.76 31.56
N CYS A 605 -26.70 -0.90 30.67
CA CYS A 605 -28.07 -0.50 30.97
C CYS A 605 -29.02 -1.67 30.91
N SER A 606 -30.23 -1.48 31.45
CA SER A 606 -31.19 -2.57 31.48
C SER A 606 -32.58 -2.13 31.87
N ASN A 607 -33.51 -3.02 31.57
CA ASN A 607 -34.89 -3.04 31.98
C ASN A 607 -35.26 -4.52 32.31
N SER A 608 -36.53 -4.79 32.64
CA SER A 608 -36.94 -6.15 32.98
C SER A 608 -36.84 -7.12 31.80
N LYS A 609 -36.85 -6.60 30.56
CA LYS A 609 -36.78 -7.46 29.37
C LYS A 609 -35.41 -7.59 28.70
N LYS A 610 -34.66 -6.47 28.55
CA LYS A 610 -33.39 -6.35 27.83
C LYS A 610 -32.22 -5.78 28.66
N VAL A 611 -31.01 -6.08 28.23
CA VAL A 611 -29.77 -5.54 28.76
C VAL A 611 -28.99 -5.02 27.56
N TRP A 612 -28.39 -3.84 27.66
CA TRP A 612 -27.61 -3.30 26.53
C TRP A 612 -26.44 -2.48 27.02
N TYR A 613 -25.59 -2.06 26.11
CA TYR A 613 -24.49 -1.18 26.41
C TYR A 613 -24.71 0.11 25.63
N GLU A 614 -24.16 1.17 26.16
CA GLU A 614 -24.09 2.45 25.46
C GLU A 614 -22.65 2.91 25.66
N TRP A 615 -22.18 3.77 24.79
CA TRP A 615 -20.79 4.23 24.86
C TRP A 615 -20.65 5.46 24.06
N ALA A 616 -19.84 6.41 24.54
CA ALA A 616 -19.50 7.66 23.87
C ALA A 616 -18.04 7.99 24.14
N VAL A 617 -17.35 8.59 23.19
CA VAL A 617 -15.99 9.09 23.34
C VAL A 617 -16.16 10.55 23.75
N THR A 618 -15.42 11.01 24.77
CA THR A 618 -15.53 12.40 25.23
C THR A 618 -14.22 13.20 25.10
N ALA A 619 -13.11 12.56 24.63
CA ALA A 619 -11.85 13.22 24.37
C ALA A 619 -10.99 12.37 23.38
N PRO A 620 -10.22 13.01 22.49
CA PRO A 620 -9.97 14.45 22.36
C PRO A 620 -11.19 15.29 21.95
N VAL A 621 -12.20 14.65 21.37
CA VAL A 621 -13.47 15.26 20.93
C VAL A 621 -14.63 14.36 21.35
N CYS A 622 -15.85 14.92 21.39
CA CYS A 622 -17.02 14.10 21.72
C CYS A 622 -17.49 13.33 20.50
N SER A 623 -18.10 12.20 20.76
CA SER A 623 -18.79 11.43 19.76
C SER A 623 -20.26 11.50 20.19
N ALA A 624 -21.13 10.97 19.36
CA ALA A 624 -22.51 10.82 19.68
C ALA A 624 -22.57 9.59 20.61
N ILE A 625 -23.61 9.55 21.46
CA ILE A 625 -23.82 8.40 22.31
C ILE A 625 -24.29 7.26 21.40
N HIS A 626 -23.58 6.14 21.44
CA HIS A 626 -23.90 5.01 20.60
C HIS A 626 -24.89 4.12 21.31
N ASN A 627 -25.80 3.52 20.54
CA ASN A 627 -26.87 2.64 20.98
C ASN A 627 -27.75 3.21 22.13
N PRO A 628 -28.17 4.50 22.08
CA PRO A 628 -29.01 5.03 23.16
C PRO A 628 -30.29 4.29 23.29
N THR A 629 -30.51 3.67 24.45
CA THR A 629 -31.69 2.89 24.83
C THR A 629 -31.81 1.57 24.11
N GLY A 630 -30.71 1.02 23.62
CA GLY A 630 -30.74 -0.24 22.89
C GLY A 630 -31.53 -0.13 21.61
N ARG A 631 -31.45 1.00 20.88
CA ARG A 631 -32.19 1.13 19.61
C ARG A 631 -31.56 0.28 18.51
N SER A 632 -30.25 0.06 18.57
CA SER A 632 -29.59 -0.79 17.59
C SER A 632 -29.31 -2.17 18.14
N TYR A 633 -29.01 -2.29 19.43
CA TYR A 633 -28.61 -3.59 19.99
C TYR A 633 -29.04 -3.81 21.40
N THR A 634 -29.78 -4.89 21.67
CA THR A 634 -30.13 -5.33 23.01
C THR A 634 -29.79 -6.80 23.17
N ILE A 635 -29.60 -7.23 24.41
CA ILE A 635 -29.36 -8.61 24.79
C ILE A 635 -30.66 -9.03 25.53
N GLY A 636 -31.25 -10.12 25.08
CA GLY A 636 -32.52 -10.57 25.61
C GLY A 636 -32.45 -11.27 26.94
N LEU A 637 -33.28 -10.83 27.87
CA LEU A 637 -33.34 -11.45 29.19
C LEU A 637 -34.39 -12.58 29.21
N PRO B 48 17.04 -3.42 -40.58
CA PRO B 48 15.63 -3.79 -40.31
C PRO B 48 14.70 -3.34 -41.44
N ALA B 49 13.67 -4.14 -41.74
CA ALA B 49 12.73 -3.86 -42.82
C ALA B 49 11.83 -2.63 -42.61
N CYS B 50 11.83 -2.04 -41.39
CA CYS B 50 11.00 -0.85 -41.10
C CYS B 50 11.48 -0.05 -39.87
N MET B 51 11.18 1.26 -39.86
CA MET B 51 11.45 2.15 -38.73
C MET B 51 10.12 2.66 -38.20
N GLU B 52 9.90 2.46 -36.90
CA GLU B 52 8.67 2.76 -36.18
C GLU B 52 8.30 4.25 -36.20
N ARG B 53 7.02 4.57 -36.43
CA ARG B 53 6.46 5.93 -36.62
C ARG B 53 6.86 7.02 -35.60
N GLN B 54 7.32 6.65 -34.40
CA GLN B 54 7.65 7.66 -33.38
C GLN B 54 9.13 8.07 -33.44
N LEU B 55 9.44 9.10 -34.24
CA LEU B 55 10.81 9.55 -34.39
C LEU B 55 11.24 10.41 -33.20
N GLU B 56 12.15 9.88 -32.37
CA GLU B 56 12.59 10.58 -31.17
C GLU B 56 13.80 11.53 -31.36
N ALA B 57 14.91 11.07 -31.95
CA ALA B 57 16.10 11.93 -32.08
C ALA B 57 16.67 12.10 -33.49
N ALA B 58 17.08 13.34 -33.81
CA ALA B 58 17.68 13.79 -35.07
C ALA B 58 19.00 14.51 -34.77
N ARG B 59 20.16 13.89 -35.07
CA ARG B 59 21.46 14.53 -34.79
C ARG B 59 22.46 14.51 -35.98
N TYR B 60 22.72 15.67 -36.60
CA TYR B 60 23.69 15.79 -37.70
C TYR B 60 25.11 15.76 -37.15
N ARG B 61 26.01 14.94 -37.72
CA ARG B 61 27.42 14.93 -37.29
C ARG B 61 28.26 16.04 -38.02
N SER B 62 29.58 16.10 -37.79
CA SER B 62 30.43 17.13 -38.38
C SER B 62 30.40 17.19 -39.91
N ASP B 63 30.50 16.04 -40.59
CA ASP B 63 30.50 16.02 -42.06
C ASP B 63 29.15 16.32 -42.68
N GLY B 64 28.07 15.93 -42.02
CA GLY B 64 26.73 16.18 -42.55
C GLY B 64 25.77 15.01 -42.58
N ALA B 65 26.20 13.85 -42.06
CA ALA B 65 25.35 12.66 -41.98
C ALA B 65 24.27 12.88 -40.88
N LEU B 66 23.11 12.21 -40.99
CA LEU B 66 22.03 12.37 -40.03
C LEU B 66 21.80 11.13 -39.17
N LEU B 67 21.85 11.29 -37.84
CA LEU B 67 21.60 10.17 -36.92
C LEU B 67 20.11 10.20 -36.57
N LEU B 68 19.49 9.02 -36.53
CA LEU B 68 18.07 8.90 -36.24
C LEU B 68 17.76 7.86 -35.21
N GLY B 69 17.05 8.29 -34.19
CA GLY B 69 16.55 7.41 -33.14
C GLY B 69 15.04 7.42 -33.22
N ALA B 70 14.44 6.25 -33.11
CA ALA B 70 13.00 6.13 -33.20
C ALA B 70 12.50 4.95 -32.40
N SER B 71 11.26 5.05 -31.93
CA SER B 71 10.64 3.95 -31.20
C SER B 71 9.18 3.76 -31.57
N SER B 72 8.64 2.54 -31.32
CA SER B 72 7.22 2.29 -31.53
C SER B 72 6.60 2.40 -30.15
N LEU B 73 5.91 3.50 -29.94
CA LEU B 73 5.26 3.81 -28.68
C LEU B 73 3.78 3.37 -28.68
N SER B 74 3.44 2.37 -29.53
CA SER B 74 2.11 1.79 -29.73
C SER B 74 2.26 0.52 -30.59
N GLY B 75 1.23 -0.32 -30.60
CA GLY B 75 1.25 -1.57 -31.36
C GLY B 75 1.85 -2.72 -30.57
N ARG B 76 1.62 -3.96 -31.02
CA ARG B 76 2.10 -5.20 -30.37
C ARG B 76 3.50 -5.12 -29.79
N CYS B 77 4.43 -4.52 -30.53
CA CYS B 77 5.81 -4.44 -30.12
C CYS B 77 6.26 -3.03 -29.79
N TRP B 78 6.90 -2.89 -28.64
CA TRP B 78 7.42 -1.61 -28.18
C TRP B 78 8.94 -1.72 -28.20
N ALA B 79 9.53 -1.43 -29.36
CA ALA B 79 10.97 -1.53 -29.55
C ALA B 79 11.56 -0.22 -30.19
N GLY B 80 12.88 -0.15 -30.39
CA GLY B 80 13.52 1.02 -30.95
C GLY B 80 14.46 0.70 -32.08
N SER B 81 14.94 1.74 -32.78
CA SER B 81 15.85 1.58 -33.89
C SER B 81 16.81 2.78 -34.06
N LEU B 82 18.04 2.48 -34.49
CA LEU B 82 19.07 3.49 -34.76
C LEU B 82 19.35 3.47 -36.25
N TRP B 83 19.33 4.63 -36.92
CA TRP B 83 19.56 4.73 -38.37
C TRP B 83 20.54 5.85 -38.75
N LEU B 84 21.35 5.63 -39.80
CA LEU B 84 22.26 6.66 -40.28
C LEU B 84 21.92 7.06 -41.71
N PHE B 85 21.76 8.35 -41.96
CA PHE B 85 21.47 8.85 -43.29
C PHE B 85 22.57 9.76 -43.85
N LYS B 86 23.52 9.18 -44.61
CA LYS B 86 24.56 9.95 -45.30
C LYS B 86 23.92 10.95 -46.28
N ASP B 87 22.76 10.60 -46.84
CA ASP B 87 21.94 11.48 -47.65
C ASP B 87 20.81 11.95 -46.73
N PRO B 88 20.92 13.17 -46.15
CA PRO B 88 19.87 13.64 -45.23
C PRO B 88 18.51 13.88 -45.89
N CYS B 89 18.48 14.18 -47.19
CA CYS B 89 17.23 14.42 -47.88
C CYS B 89 16.43 13.14 -48.17
N ALA B 90 17.05 11.96 -48.01
CA ALA B 90 16.39 10.68 -48.24
C ALA B 90 15.46 10.33 -47.07
N ALA B 91 15.91 10.62 -45.84
CA ALA B 91 15.19 10.36 -44.59
C ALA B 91 13.73 10.76 -44.62
N PRO B 92 12.84 9.92 -44.07
CA PRO B 92 13.09 8.68 -43.32
C PRO B 92 12.96 7.36 -44.10
N ASN B 93 13.36 7.32 -45.38
CA ASN B 93 13.23 6.10 -46.17
C ASN B 93 14.18 4.98 -45.75
N GLU B 94 13.63 3.94 -45.11
CA GLU B 94 14.31 2.74 -44.60
C GLU B 94 15.22 2.04 -45.62
N GLY B 95 14.92 2.17 -46.90
CA GLY B 95 15.72 1.57 -47.96
C GLY B 95 16.85 2.46 -48.43
N PHE B 96 16.65 3.78 -48.34
CA PHE B 96 17.62 4.83 -48.71
C PHE B 96 18.58 5.16 -47.56
N CYS B 97 18.79 4.24 -46.60
CA CYS B 97 19.67 4.51 -45.46
C CYS B 97 21.10 3.96 -45.69
N SER B 98 22.06 4.46 -44.90
CA SER B 98 23.46 4.04 -44.97
C SER B 98 23.74 2.91 -43.97
N ALA B 99 23.12 3.00 -42.78
CA ALA B 99 23.27 2.00 -41.72
C ALA B 99 21.99 1.92 -40.89
N GLY B 100 21.73 0.75 -40.32
CA GLY B 100 20.53 0.55 -39.52
C GLY B 100 20.65 -0.57 -38.52
N VAL B 101 20.04 -0.37 -37.34
CA VAL B 101 20.04 -1.38 -36.30
C VAL B 101 18.76 -1.29 -35.44
N GLN B 102 18.42 -2.40 -34.77
CA GLN B 102 17.23 -2.49 -33.94
C GLN B 102 17.61 -2.81 -32.51
N THR B 103 17.15 -1.98 -31.57
CA THR B 103 17.38 -2.22 -30.14
C THR B 103 16.20 -2.96 -29.51
N GLU B 104 16.47 -3.72 -28.43
CA GLU B 104 15.46 -4.50 -27.72
C GLU B 104 14.27 -3.65 -27.20
N ALA B 105 14.55 -2.43 -26.74
CA ALA B 105 13.56 -1.53 -26.16
C ALA B 105 13.66 -0.11 -26.79
N GLY B 106 12.67 0.74 -26.52
CA GLY B 106 12.57 2.08 -27.07
C GLY B 106 13.72 3.02 -26.81
N VAL B 107 13.83 4.02 -27.66
CA VAL B 107 14.86 5.02 -27.63
C VAL B 107 14.24 6.32 -27.10
N ALA B 108 14.53 6.64 -25.84
CA ALA B 108 14.00 7.86 -25.23
C ALA B 108 14.84 9.10 -25.56
N ASP B 109 16.15 8.90 -25.79
CA ASP B 109 17.11 9.95 -26.14
C ASP B 109 18.43 9.32 -26.61
N LEU B 110 19.21 10.09 -27.38
CA LEU B 110 20.53 9.66 -27.82
C LEU B 110 21.46 10.85 -28.13
N THR B 111 22.74 10.57 -28.32
CA THR B 111 23.72 11.58 -28.68
C THR B 111 24.90 10.95 -29.42
N TRP B 112 25.65 11.78 -30.15
CA TRP B 112 26.83 11.27 -30.87
C TRP B 112 28.02 11.18 -29.90
N VAL B 113 28.86 10.18 -30.07
CA VAL B 113 30.09 10.05 -29.30
C VAL B 113 31.20 10.18 -30.35
N GLY B 114 31.41 11.42 -30.78
CA GLY B 114 32.38 11.73 -31.82
C GLY B 114 31.69 11.60 -33.15
N GLU B 115 32.31 10.84 -34.08
CA GLU B 115 31.71 10.61 -35.39
C GLU B 115 31.41 9.11 -35.64
N ARG B 116 31.76 8.21 -34.70
CA ARG B 116 31.55 6.77 -34.86
C ARG B 116 30.45 6.20 -33.95
N GLY B 117 30.58 6.42 -32.64
CA GLY B 117 29.66 5.89 -31.64
C GLY B 117 28.40 6.68 -31.35
N ILE B 118 27.39 6.01 -30.77
CA ILE B 118 26.08 6.58 -30.42
C ILE B 118 25.74 6.14 -29.02
N LEU B 119 25.41 7.11 -28.15
CA LEU B 119 25.05 6.79 -26.78
C LEU B 119 23.52 6.77 -26.68
N VAL B 120 22.94 5.68 -26.19
CA VAL B 120 21.47 5.53 -26.19
C VAL B 120 20.87 5.36 -24.79
N ALA B 121 19.80 6.14 -24.52
CA ALA B 121 19.02 6.12 -23.29
C ALA B 121 17.75 5.31 -23.53
N SER B 122 17.74 4.05 -23.07
CA SER B 122 16.59 3.18 -23.31
C SER B 122 15.54 3.08 -22.19
N ASP B 123 14.31 2.71 -22.58
CA ASP B 123 13.18 2.42 -21.69
C ASP B 123 13.49 1.23 -20.77
N SER B 124 14.46 0.39 -21.13
CA SER B 124 14.80 -0.77 -20.32
C SER B 124 15.53 -0.45 -19.02
N GLY B 125 15.97 0.80 -18.85
CA GLY B 125 16.76 1.21 -17.70
C GLY B 125 18.26 1.08 -17.92
N ALA B 126 18.67 0.73 -19.15
CA ALA B 126 20.06 0.55 -19.52
C ALA B 126 20.58 1.69 -20.36
N VAL B 127 21.90 1.91 -20.30
CA VAL B 127 22.53 2.88 -21.16
C VAL B 127 23.33 2.07 -22.19
N GLU B 128 23.11 2.34 -23.48
CA GLU B 128 23.75 1.59 -24.55
C GLU B 128 24.75 2.41 -25.34
N LEU B 129 25.76 1.74 -25.90
CA LEU B 129 26.73 2.40 -26.78
C LEU B 129 26.86 1.58 -28.03
N TRP B 130 26.62 2.21 -29.18
CA TRP B 130 26.62 1.57 -30.49
C TRP B 130 27.60 2.28 -31.43
N GLU B 131 28.71 1.62 -31.82
CA GLU B 131 29.68 2.25 -32.72
C GLU B 131 29.59 1.76 -34.16
N LEU B 132 29.59 2.71 -35.12
CA LEU B 132 29.58 2.43 -36.55
C LEU B 132 30.86 1.67 -36.91
N ASP B 133 30.75 0.69 -37.81
CA ASP B 133 31.92 -0.11 -38.21
C ASP B 133 32.93 0.70 -39.06
N GLU B 134 34.00 0.03 -39.52
CA GLU B 134 35.03 0.60 -40.38
C GLU B 134 34.46 1.22 -41.68
N ASN B 135 33.40 0.60 -42.26
CA ASN B 135 32.79 1.12 -43.49
C ASN B 135 31.61 2.07 -43.27
N GLU B 136 31.06 2.11 -42.02
CA GLU B 136 29.92 2.94 -41.64
C GLU B 136 28.66 2.45 -42.34
N THR B 137 28.44 1.12 -42.29
CA THR B 137 27.30 0.42 -42.88
C THR B 137 26.55 -0.47 -41.88
N LEU B 138 27.22 -0.86 -40.80
CA LEU B 138 26.72 -1.69 -39.71
C LEU B 138 26.78 -0.89 -38.39
N ILE B 139 25.88 -1.17 -37.44
CA ILE B 139 25.88 -0.53 -36.14
C ILE B 139 26.02 -1.64 -35.09
N VAL B 140 27.16 -1.70 -34.36
CA VAL B 140 27.42 -2.78 -33.43
C VAL B 140 27.44 -2.33 -31.97
N SER B 141 26.84 -3.13 -31.07
CA SER B 141 26.77 -2.77 -29.66
C SER B 141 28.07 -3.06 -28.94
N LYS B 142 28.49 -2.13 -28.11
CA LYS B 142 29.71 -2.25 -27.33
C LYS B 142 29.30 -2.57 -25.89
N PHE B 143 28.43 -1.73 -25.30
CA PHE B 143 27.94 -1.99 -23.96
C PHE B 143 26.46 -1.70 -23.80
N CYS B 144 25.81 -2.50 -22.95
CA CYS B 144 24.40 -2.34 -22.57
C CYS B 144 24.39 -2.54 -21.07
N LYS B 145 24.51 -1.45 -20.31
CA LYS B 145 24.58 -1.55 -18.86
C LYS B 145 23.31 -1.07 -18.19
N TYR B 146 22.61 -1.98 -17.52
CA TYR B 146 21.36 -1.69 -16.82
C TYR B 146 21.67 -1.22 -15.41
N GLU B 147 21.80 0.09 -15.23
CA GLU B 147 22.11 0.66 -13.93
C GLU B 147 20.95 1.46 -13.32
N HIS B 148 20.04 1.96 -14.17
CA HIS B 148 18.87 2.68 -13.70
C HIS B 148 17.70 1.71 -13.40
N ASP B 149 17.07 1.85 -12.23
CA ASP B 149 15.93 1.01 -11.84
C ASP B 149 14.62 1.34 -12.63
N ASP B 150 14.67 2.29 -13.55
CA ASP B 150 13.53 2.67 -14.38
C ASP B 150 14.05 3.28 -15.71
N ILE B 151 13.15 3.53 -16.71
CA ILE B 151 13.43 4.17 -18.00
C ILE B 151 14.55 5.22 -17.92
N VAL B 152 15.58 5.12 -18.79
CA VAL B 152 16.60 6.15 -18.85
C VAL B 152 15.98 7.20 -19.78
N SER B 153 15.73 8.42 -19.28
CA SER B 153 15.05 9.43 -20.10
C SER B 153 15.96 10.42 -20.84
N THR B 154 17.12 10.77 -20.24
CA THR B 154 17.99 11.77 -20.88
C THR B 154 19.45 11.40 -20.82
N VAL B 155 20.17 11.77 -21.86
CA VAL B 155 21.58 11.47 -21.97
C VAL B 155 22.34 12.69 -22.51
N SER B 156 23.60 12.87 -22.05
CA SER B 156 24.44 14.01 -22.46
C SER B 156 25.91 13.70 -22.32
N VAL B 157 26.68 13.86 -23.41
CA VAL B 157 28.11 13.56 -23.37
C VAL B 157 28.89 14.78 -22.84
N LEU B 158 29.81 14.52 -21.90
CA LEU B 158 30.67 15.53 -21.26
C LEU B 158 31.85 15.91 -22.18
N SER B 159 32.18 17.22 -22.27
CA SER B 159 33.25 17.87 -23.05
C SER B 159 34.43 16.98 -23.52
N SER B 160 35.08 16.21 -22.62
CA SER B 160 36.19 15.34 -23.02
C SER B 160 35.83 14.39 -24.17
N GLY B 161 34.59 13.89 -24.12
CA GLY B 161 34.08 12.92 -25.06
C GLY B 161 34.22 11.49 -24.54
N THR B 162 34.91 11.31 -23.40
CA THR B 162 35.13 10.01 -22.76
C THR B 162 34.19 9.77 -21.57
N GLN B 163 33.32 10.73 -21.24
CA GLN B 163 32.42 10.64 -20.11
C GLN B 163 31.01 11.13 -20.45
N ALA B 164 30.02 10.64 -19.71
CA ALA B 164 28.63 11.00 -19.98
C ALA B 164 27.76 11.07 -18.70
N VAL B 165 26.62 11.79 -18.77
CA VAL B 165 25.66 11.93 -17.68
C VAL B 165 24.25 11.44 -18.10
N SER B 166 23.71 10.43 -17.39
CA SER B 166 22.36 9.90 -17.66
C SER B 166 21.37 10.36 -16.59
N GLY B 167 20.22 10.87 -17.00
CA GLY B 167 19.13 11.30 -16.13
C GLY B 167 17.94 10.37 -16.30
N SER B 168 17.40 9.81 -15.19
CA SER B 168 16.33 8.82 -15.30
C SER B 168 15.03 9.12 -14.51
N LYS B 169 13.94 8.42 -14.88
CA LYS B 169 12.65 8.49 -14.17
C LYS B 169 12.77 7.85 -12.75
N ASP B 170 13.81 6.99 -12.52
CA ASP B 170 14.17 6.39 -11.23
C ASP B 170 14.75 7.42 -10.23
N ILE B 171 14.78 8.72 -10.60
CA ILE B 171 15.19 9.91 -9.84
C ILE B 171 16.75 10.13 -9.84
N CYS B 172 17.54 9.07 -10.07
CA CYS B 172 19.00 9.11 -10.08
C CYS B 172 19.61 9.84 -11.27
N ILE B 173 20.86 10.25 -11.11
CA ILE B 173 21.74 10.83 -12.13
C ILE B 173 23.04 10.00 -12.04
N LYS B 174 23.61 9.58 -13.18
CA LYS B 174 24.84 8.78 -13.15
C LYS B 174 25.90 9.33 -14.07
N VAL B 175 27.15 9.34 -13.60
CA VAL B 175 28.28 9.82 -14.38
C VAL B 175 29.03 8.58 -14.84
N TRP B 176 29.15 8.41 -16.15
CA TRP B 176 29.73 7.21 -16.75
C TRP B 176 31.11 7.35 -17.35
N ASP B 177 31.92 6.28 -17.24
CA ASP B 177 33.17 6.21 -17.99
C ASP B 177 32.90 5.28 -19.18
N LEU B 178 32.83 5.86 -20.38
CA LEU B 178 32.54 5.14 -21.63
C LEU B 178 33.62 4.08 -21.95
N ALA B 179 34.89 4.40 -21.68
CA ALA B 179 36.00 3.48 -21.94
C ALA B 179 35.99 2.23 -21.05
N GLN B 180 35.83 2.39 -19.73
CA GLN B 180 35.77 1.26 -18.80
C GLN B 180 34.39 0.58 -18.79
N GLN B 181 33.35 1.25 -19.34
CA GLN B 181 31.97 0.77 -19.43
C GLN B 181 31.30 0.63 -18.06
N VAL B 182 31.72 1.46 -17.09
CA VAL B 182 31.15 1.44 -15.74
C VAL B 182 30.68 2.83 -15.30
N VAL B 183 29.89 2.89 -14.22
CA VAL B 183 29.43 4.16 -13.68
C VAL B 183 30.41 4.57 -12.59
N LEU B 184 30.91 5.80 -12.65
CA LEU B 184 31.83 6.31 -11.64
C LEU B 184 31.04 6.76 -10.41
N SER B 185 29.96 7.52 -10.62
CA SER B 185 29.19 8.05 -9.50
C SER B 185 27.66 8.01 -9.72
N SER B 186 26.90 7.83 -8.62
CA SER B 186 25.44 7.82 -8.64
C SER B 186 24.91 8.93 -7.72
N TYR B 187 24.09 9.83 -8.24
CA TYR B 187 23.57 10.95 -7.45
C TYR B 187 22.03 11.06 -7.36
N ARG B 188 21.45 10.80 -6.19
CA ARG B 188 20.03 11.01 -5.97
C ARG B 188 19.88 12.40 -5.37
N ALA B 189 19.93 13.43 -6.21
CA ALA B 189 19.79 14.82 -5.73
C ALA B 189 18.38 15.35 -5.90
N HIS B 190 17.68 14.86 -6.92
CA HIS B 190 16.32 15.25 -7.21
C HIS B 190 15.32 14.46 -6.36
N ALA B 191 14.09 14.94 -6.32
CA ALA B 191 13.02 14.32 -5.59
C ALA B 191 12.05 13.59 -6.54
N ALA B 192 11.90 14.08 -7.79
CA ALA B 192 10.98 13.49 -8.75
C ALA B 192 11.76 12.87 -10.01
N GLN B 193 11.12 12.62 -11.18
CA GLN B 193 11.77 12.05 -12.34
C GLN B 193 12.72 13.09 -12.94
N VAL B 194 13.87 12.65 -13.50
CA VAL B 194 14.78 13.61 -14.15
C VAL B 194 14.29 13.86 -15.55
N THR B 195 13.99 15.12 -15.91
CA THR B 195 13.49 15.43 -17.24
C THR B 195 14.66 15.61 -18.23
N CYS B 196 15.70 16.36 -17.83
CA CYS B 196 16.77 16.72 -18.74
C CYS B 196 18.13 16.88 -18.04
N VAL B 197 19.20 16.41 -18.69
CA VAL B 197 20.57 16.60 -18.23
C VAL B 197 21.36 17.21 -19.40
N ALA B 198 22.03 18.35 -19.17
CA ALA B 198 22.78 19.05 -20.23
C ALA B 198 24.23 19.37 -19.83
N ALA B 199 25.17 18.47 -20.21
CA ALA B 199 26.60 18.61 -19.95
C ALA B 199 27.13 19.90 -20.55
N SER B 200 27.98 20.62 -19.79
CA SER B 200 28.57 21.92 -20.17
C SER B 200 29.27 21.89 -21.51
N PRO B 201 29.22 22.99 -22.28
CA PRO B 201 29.94 22.98 -23.56
C PRO B 201 31.45 22.76 -23.37
N HIS B 202 32.06 23.49 -22.39
CA HIS B 202 33.51 23.40 -22.23
C HIS B 202 34.03 22.79 -20.91
N LYS B 203 33.22 22.72 -19.84
CA LYS B 203 33.68 22.15 -18.58
C LYS B 203 33.19 20.69 -18.42
N ASP B 204 34.12 19.74 -18.28
CA ASP B 204 33.85 18.30 -18.17
C ASP B 204 33.29 17.87 -16.81
N SER B 205 33.42 18.71 -15.80
CA SER B 205 32.84 18.44 -14.48
C SER B 205 31.54 19.24 -14.27
N VAL B 206 31.18 20.17 -15.17
CA VAL B 206 29.95 20.96 -15.09
C VAL B 206 28.84 20.42 -16.03
N PHE B 207 27.60 20.38 -15.52
CA PHE B 207 26.43 19.93 -16.26
C PHE B 207 25.15 20.35 -15.58
N LEU B 208 24.15 20.72 -16.35
CA LEU B 208 22.87 21.12 -15.80
C LEU B 208 21.94 19.91 -15.64
N SER B 209 20.97 20.03 -14.73
CA SER B 209 19.91 19.03 -14.57
C SER B 209 18.62 19.74 -14.18
N CYS B 210 17.50 19.11 -14.51
CA CYS B 210 16.18 19.61 -14.19
C CYS B 210 15.21 18.44 -14.06
N SER B 211 14.28 18.56 -13.12
CA SER B 211 13.41 17.47 -12.78
C SER B 211 12.00 17.94 -12.50
N GLU B 212 11.07 17.00 -12.39
CA GLU B 212 9.67 17.33 -12.08
C GLU B 212 9.53 17.88 -10.63
N ASP B 213 10.60 17.81 -9.81
CA ASP B 213 10.57 18.37 -8.47
C ASP B 213 10.67 19.90 -8.49
N ASN B 214 10.53 20.55 -9.68
CA ASN B 214 10.65 21.98 -9.92
C ASN B 214 12.09 22.54 -9.75
N ARG B 215 13.10 21.65 -9.66
CA ARG B 215 14.48 22.10 -9.49
C ARG B 215 15.35 22.06 -10.74
N ILE B 216 16.15 23.12 -10.92
CA ILE B 216 17.22 23.14 -11.90
C ILE B 216 18.52 23.11 -11.08
N LEU B 217 19.36 22.07 -11.24
CA LEU B 217 20.62 21.94 -10.52
C LEU B 217 21.87 22.17 -11.43
N LEU B 218 22.81 23.03 -10.99
CA LEU B 218 24.09 23.29 -11.67
C LEU B 218 25.10 22.38 -11.01
N TRP B 219 25.68 21.47 -11.77
CA TRP B 219 26.61 20.50 -11.19
C TRP B 219 28.07 20.83 -11.42
N ASP B 220 28.94 20.28 -10.57
CA ASP B 220 30.37 20.48 -10.60
C ASP B 220 30.96 19.43 -9.67
N THR B 221 31.38 18.28 -10.21
CA THR B 221 31.95 17.17 -9.43
C THR B 221 33.11 17.55 -8.49
N ARG B 222 33.72 18.72 -8.70
CA ARG B 222 34.86 19.14 -7.87
C ARG B 222 34.39 19.50 -6.43
N CYS B 223 33.16 20.01 -6.28
CA CYS B 223 32.59 20.33 -4.97
C CYS B 223 32.12 19.05 -4.24
N PRO B 224 32.20 19.00 -2.89
CA PRO B 224 31.69 17.82 -2.17
C PRO B 224 30.15 17.74 -2.10
N LYS B 225 29.48 18.85 -2.41
CA LYS B 225 28.04 18.93 -2.56
C LYS B 225 27.91 19.55 -3.95
N PRO B 226 27.95 18.71 -5.00
CA PRO B 226 28.04 19.23 -6.38
C PRO B 226 26.85 19.96 -6.99
N ALA B 227 25.64 19.70 -6.52
CA ALA B 227 24.46 20.36 -7.11
C ALA B 227 24.24 21.73 -6.54
N SER B 228 23.61 22.61 -7.31
CA SER B 228 23.34 23.97 -6.85
C SER B 228 22.03 24.42 -7.50
N GLN B 229 21.03 24.74 -6.69
CA GLN B 229 19.72 25.12 -7.16
C GLN B 229 19.64 26.50 -7.78
N ILE B 230 19.30 26.58 -9.08
CA ILE B 230 19.16 27.87 -9.77
C ILE B 230 17.68 28.14 -10.04
N GLY B 231 17.30 29.42 -10.03
CA GLY B 231 15.92 29.84 -10.28
C GLY B 231 15.76 31.36 -10.40
N GLY B 236 8.27 28.71 -10.39
CA GLY B 236 7.38 28.77 -11.54
C GLY B 236 6.91 27.40 -12.00
N TYR B 237 6.65 27.26 -13.31
CA TYR B 237 6.23 25.99 -13.87
C TYR B 237 7.38 25.01 -14.05
N LEU B 238 7.10 23.72 -14.14
CA LEU B 238 8.14 22.69 -14.20
C LEU B 238 9.16 22.86 -15.32
N PRO B 239 10.44 22.63 -15.00
CA PRO B 239 11.47 22.69 -16.05
C PRO B 239 11.46 21.46 -16.96
N THR B 240 11.42 21.67 -18.28
CA THR B 240 11.37 20.57 -19.24
C THR B 240 12.57 20.46 -20.19
N SER B 241 13.16 21.58 -20.60
CA SER B 241 14.30 21.52 -21.53
C SER B 241 15.48 22.39 -21.12
N LEU B 242 16.71 21.86 -21.26
CA LEU B 242 17.92 22.60 -20.91
C LEU B 242 18.91 22.79 -22.06
N ALA B 243 19.24 24.06 -22.40
CA ALA B 243 20.23 24.34 -23.44
C ALA B 243 21.34 25.35 -23.05
N TRP B 244 22.59 24.90 -23.01
CA TRP B 244 23.73 25.78 -22.73
C TRP B 244 23.98 26.74 -23.92
N HIS B 245 24.43 27.98 -23.65
CA HIS B 245 24.79 28.90 -24.75
C HIS B 245 26.17 28.44 -25.25
N PRO B 246 26.37 28.28 -26.57
CA PRO B 246 27.65 27.76 -27.07
C PRO B 246 28.84 28.74 -27.03
N GLN B 247 28.57 30.03 -26.75
CA GLN B 247 29.62 31.05 -26.68
C GLN B 247 29.86 31.59 -25.26
N GLN B 248 28.87 31.45 -24.38
CA GLN B 248 28.99 31.94 -23.01
C GLN B 248 28.76 30.78 -22.03
N SER B 249 29.84 30.21 -21.48
CA SER B 249 29.77 29.08 -20.53
C SER B 249 29.13 29.45 -19.15
N GLU B 250 28.52 30.63 -19.07
CA GLU B 250 27.81 31.10 -17.89
C GLU B 250 26.32 31.37 -18.16
N VAL B 251 25.88 31.25 -19.44
CA VAL B 251 24.49 31.48 -19.79
C VAL B 251 23.87 30.22 -20.38
N PHE B 252 22.61 29.96 -20.04
CA PHE B 252 21.86 28.84 -20.57
C PHE B 252 20.38 29.20 -20.67
N VAL B 253 19.63 28.47 -21.50
CA VAL B 253 18.20 28.67 -21.61
C VAL B 253 17.45 27.44 -21.09
N PHE B 254 16.28 27.66 -20.49
CA PHE B 254 15.45 26.56 -20.02
C PHE B 254 14.00 26.78 -20.46
N GLY B 255 13.34 25.73 -20.91
CA GLY B 255 11.95 25.82 -21.33
C GLY B 255 11.07 25.11 -20.33
N ASP B 256 9.89 25.67 -20.03
CA ASP B 256 9.03 25.06 -19.02
C ASP B 256 7.81 24.28 -19.64
N GLU B 257 6.93 23.71 -18.79
CA GLU B 257 5.74 22.98 -19.22
C GLU B 257 4.61 23.91 -19.70
N ASN B 258 4.67 25.22 -19.36
CA ASN B 258 3.70 26.24 -19.77
C ASN B 258 4.13 26.95 -21.08
N GLY B 259 5.10 26.39 -21.81
CA GLY B 259 5.55 26.95 -23.09
C GLY B 259 6.47 28.15 -23.07
N THR B 260 6.83 28.62 -21.88
CA THR B 260 7.73 29.76 -21.73
C THR B 260 9.19 29.33 -21.83
N VAL B 261 9.99 30.07 -22.60
CA VAL B 261 11.43 29.84 -22.67
C VAL B 261 12.12 30.99 -21.95
N SER B 262 13.10 30.67 -21.09
CA SER B 262 13.78 31.72 -20.32
C SER B 262 15.30 31.66 -20.39
N LEU B 263 15.92 32.85 -20.28
CA LEU B 263 17.35 33.14 -20.37
C LEU B 263 17.98 33.27 -18.98
N VAL B 264 18.94 32.41 -18.65
CA VAL B 264 19.55 32.39 -17.33
C VAL B 264 21.06 32.62 -17.29
N ASP B 265 21.52 33.65 -16.54
CA ASP B 265 22.94 33.93 -16.31
C ASP B 265 23.30 33.41 -14.90
N THR B 266 24.24 32.44 -14.82
CA THR B 266 24.70 31.78 -13.59
C THR B 266 24.94 32.74 -12.39
N LYS B 267 25.47 33.94 -12.63
CA LYS B 267 25.66 34.92 -11.56
C LYS B 267 24.57 36.02 -11.61
N VAL B 272 15.58 37.54 -14.47
CA VAL B 272 16.07 36.98 -15.72
C VAL B 272 15.04 37.21 -16.87
N LEU B 273 15.51 37.10 -18.15
CA LEU B 273 14.66 37.32 -19.34
C LEU B 273 13.73 36.13 -19.72
N SER B 274 12.46 36.40 -20.07
CA SER B 274 11.51 35.35 -20.41
C SER B 274 10.56 35.70 -21.55
N SER B 275 10.12 34.68 -22.31
CA SER B 275 9.13 34.85 -23.37
C SER B 275 8.21 33.64 -23.57
N ALA B 276 6.93 33.91 -23.85
CA ALA B 276 5.93 32.90 -24.09
C ALA B 276 6.00 32.42 -25.54
N VAL B 277 6.85 31.43 -25.81
CA VAL B 277 7.03 30.93 -27.16
C VAL B 277 5.86 30.02 -27.62
N HIS B 278 5.66 28.89 -26.94
CA HIS B 278 4.64 27.91 -27.27
C HIS B 278 3.42 27.97 -26.35
N SER B 279 2.33 27.30 -26.76
CA SER B 279 1.10 27.15 -25.99
C SER B 279 1.12 25.83 -25.15
N GLN B 280 2.09 24.93 -25.42
CA GLN B 280 2.27 23.67 -24.72
C GLN B 280 3.75 23.49 -24.28
N CYS B 281 4.04 22.44 -23.50
CA CYS B 281 5.36 22.08 -23.00
C CYS B 281 6.46 22.19 -24.06
N VAL B 282 7.61 22.78 -23.67
CA VAL B 282 8.78 22.96 -24.52
C VAL B 282 9.58 21.66 -24.48
N THR B 283 9.61 20.90 -25.56
CA THR B 283 10.29 19.61 -25.58
C THR B 283 11.80 19.68 -25.71
N GLY B 284 12.26 20.72 -26.39
CA GLY B 284 13.68 20.90 -26.61
C GLY B 284 14.07 22.32 -26.96
N LEU B 285 15.35 22.61 -26.78
CA LEU B 285 15.93 23.90 -27.11
C LEU B 285 17.31 23.58 -27.71
N VAL B 286 17.56 24.00 -28.96
CA VAL B 286 18.85 23.72 -29.64
C VAL B 286 19.40 24.97 -30.30
N PHE B 287 20.67 25.32 -30.00
CA PHE B 287 21.31 26.49 -30.61
C PHE B 287 21.98 26.16 -31.95
N SER B 288 21.94 27.13 -32.86
CA SER B 288 22.54 27.01 -34.18
C SER B 288 24.08 27.03 -34.13
N PRO B 289 24.78 26.47 -35.14
CA PRO B 289 26.25 26.47 -35.11
C PRO B 289 26.90 27.83 -35.36
N HIS B 290 26.09 28.84 -35.80
CA HIS B 290 26.49 30.23 -36.06
C HIS B 290 27.39 30.79 -34.98
N SER B 291 28.25 31.76 -35.32
CA SER B 291 29.08 32.41 -34.32
C SER B 291 28.20 33.22 -33.34
N VAL B 292 27.08 33.78 -33.83
CA VAL B 292 26.07 34.42 -32.96
C VAL B 292 24.80 33.56 -33.14
N PRO B 293 24.65 32.48 -32.34
CA PRO B 293 23.57 31.52 -32.60
C PRO B 293 22.12 31.99 -32.48
N PHE B 294 21.27 31.21 -33.14
CA PHE B 294 19.82 31.26 -33.16
C PHE B 294 19.36 30.11 -32.27
N LEU B 295 18.21 30.28 -31.63
CA LEU B 295 17.69 29.22 -30.76
C LEU B 295 16.45 28.58 -31.36
N ALA B 296 16.51 27.28 -31.59
CA ALA B 296 15.36 26.55 -32.13
C ALA B 296 14.65 25.85 -30.98
N SER B 297 13.37 26.21 -30.73
CA SER B 297 12.56 25.63 -29.65
C SER B 297 11.48 24.63 -30.11
N LEU B 298 11.67 23.35 -29.81
CA LEU B 298 10.71 22.28 -30.09
C LEU B 298 9.54 22.34 -29.09
N SER B 299 8.42 21.66 -29.39
CA SER B 299 7.27 21.67 -28.48
C SER B 299 6.24 20.57 -28.75
N GLU B 300 5.39 20.33 -27.75
CA GLU B 300 4.25 19.43 -27.86
C GLU B 300 3.08 20.11 -28.58
N ASP B 301 3.11 21.44 -28.81
CA ASP B 301 2.04 22.10 -29.59
C ASP B 301 2.28 21.96 -31.12
N CYS B 302 3.18 21.02 -31.52
CA CYS B 302 3.54 20.62 -32.88
C CYS B 302 4.17 21.74 -33.73
N SER B 303 4.67 22.80 -33.08
CA SER B 303 5.30 23.88 -33.81
C SER B 303 6.77 24.06 -33.45
N LEU B 304 7.50 24.68 -34.37
CA LEU B 304 8.92 25.00 -34.26
C LEU B 304 9.03 26.52 -34.33
N ALA B 305 9.94 27.09 -33.54
CA ALA B 305 10.19 28.52 -33.57
C ALA B 305 11.67 28.74 -33.47
N VAL B 306 12.15 29.77 -34.17
CA VAL B 306 13.56 30.13 -34.11
C VAL B 306 13.61 31.55 -33.56
N LEU B 307 14.29 31.72 -32.42
CA LEU B 307 14.35 33.02 -31.76
C LEU B 307 15.75 33.61 -31.78
N ASP B 308 15.82 34.94 -31.72
CA ASP B 308 17.07 35.67 -31.71
C ASP B 308 17.72 35.72 -30.28
N SER B 309 18.56 36.72 -30.01
CA SER B 309 19.23 36.91 -28.73
C SER B 309 18.26 37.47 -27.68
N SER B 310 17.29 38.30 -28.08
CA SER B 310 16.32 38.84 -27.13
C SER B 310 15.01 38.03 -27.05
N LEU B 311 15.04 36.75 -27.51
CA LEU B 311 13.91 35.83 -27.49
C LEU B 311 12.72 36.27 -28.37
N SER B 312 12.98 36.99 -29.45
CA SER B 312 11.93 37.41 -30.37
C SER B 312 11.82 36.38 -31.50
N GLU B 313 10.60 36.09 -31.95
CA GLU B 313 10.37 35.07 -32.97
C GLU B 313 10.71 35.49 -34.40
N LEU B 314 11.51 34.67 -35.09
CA LEU B 314 11.88 34.91 -36.48
C LEU B 314 11.15 33.88 -37.34
N PHE B 315 11.43 32.57 -37.12
CA PHE B 315 10.78 31.48 -37.85
C PHE B 315 9.64 30.88 -37.03
N ARG B 316 8.66 30.27 -37.72
CA ARG B 316 7.51 29.60 -37.13
C ARG B 316 7.05 28.55 -38.11
N SER B 317 7.31 27.28 -37.82
CA SER B 317 6.94 26.19 -38.72
C SER B 317 5.90 25.22 -38.16
N GLN B 318 4.72 25.17 -38.80
CA GLN B 318 3.64 24.25 -38.41
C GLN B 318 3.65 22.95 -39.23
N ALA B 319 4.70 22.72 -40.04
CA ALA B 319 4.88 21.56 -40.90
C ALA B 319 4.50 20.23 -40.25
N HIS B 320 4.85 20.10 -38.97
CA HIS B 320 4.53 18.90 -38.23
C HIS B 320 3.08 18.83 -37.79
N ARG B 321 2.55 17.62 -37.82
CA ARG B 321 1.17 17.29 -37.46
C ARG B 321 1.05 16.52 -36.11
N ASP B 322 2.19 16.09 -35.53
CA ASP B 322 2.30 15.44 -34.21
C ASP B 322 3.43 16.18 -33.38
N PHE B 323 3.81 15.66 -32.20
CA PHE B 323 4.81 16.29 -31.34
C PHE B 323 6.17 16.44 -32.02
N VAL B 324 6.76 17.65 -31.97
CA VAL B 324 8.10 17.89 -32.53
C VAL B 324 9.12 17.47 -31.49
N ARG B 325 9.84 16.37 -31.74
CA ARG B 325 10.78 15.84 -30.76
C ARG B 325 12.17 16.48 -30.79
N ASP B 326 12.93 16.29 -31.87
CA ASP B 326 14.30 16.80 -31.94
C ASP B 326 14.56 17.77 -33.09
N ALA B 327 15.60 18.59 -32.95
CA ALA B 327 16.06 19.54 -33.97
C ALA B 327 17.59 19.43 -34.12
N THR B 328 18.11 19.71 -35.32
CA THR B 328 19.55 19.67 -35.59
C THR B 328 19.91 20.58 -36.75
N TRP B 329 20.84 21.53 -36.50
CA TRP B 329 21.24 22.46 -37.56
C TRP B 329 22.34 21.82 -38.39
N SER B 330 22.35 22.10 -39.69
CA SER B 330 23.33 21.54 -40.60
C SER B 330 24.76 22.08 -40.38
N PRO B 331 25.74 21.17 -40.31
CA PRO B 331 27.14 21.63 -40.18
C PRO B 331 27.60 22.38 -41.43
N LEU B 332 27.03 22.03 -42.60
CA LEU B 332 27.32 22.53 -43.93
C LEU B 332 26.53 23.81 -44.24
N ASN B 333 25.21 23.80 -44.05
CA ASN B 333 24.39 24.98 -44.29
C ASN B 333 23.80 25.45 -42.98
N HIS B 334 24.31 26.58 -42.50
CA HIS B 334 23.87 27.12 -41.22
C HIS B 334 22.42 27.70 -41.26
N SER B 335 21.84 27.91 -42.46
CA SER B 335 20.44 28.31 -42.54
C SER B 335 19.47 27.09 -42.63
N LEU B 336 20.00 25.85 -42.51
CA LEU B 336 19.26 24.60 -42.60
C LEU B 336 19.10 23.96 -41.22
N LEU B 337 17.85 23.71 -40.85
CA LEU B 337 17.50 23.07 -39.58
C LEU B 337 16.59 21.90 -39.87
N THR B 338 16.91 20.73 -39.34
CA THR B 338 16.12 19.53 -39.57
C THR B 338 15.33 19.14 -38.32
N THR B 339 14.00 18.94 -38.49
CA THR B 339 13.15 18.57 -37.37
C THR B 339 12.37 17.31 -37.60
N VAL B 340 12.57 16.32 -36.75
CA VAL B 340 11.79 15.10 -36.81
C VAL B 340 10.62 15.18 -35.78
N GLY B 341 9.65 14.29 -35.92
CA GLY B 341 8.49 14.29 -35.04
C GLY B 341 7.83 12.94 -34.90
N TRP B 342 6.77 12.91 -34.13
CA TRP B 342 6.05 11.65 -33.92
C TRP B 342 5.12 11.28 -35.10
N ASP B 343 4.99 12.16 -36.11
CA ASP B 343 4.22 11.96 -37.33
C ASP B 343 5.09 11.34 -38.47
N HIS B 344 6.25 10.74 -38.13
CA HIS B 344 7.23 10.12 -39.02
C HIS B 344 7.89 11.07 -40.05
N GLN B 345 7.62 12.38 -39.97
CA GLN B 345 8.25 13.36 -40.85
C GLN B 345 9.70 13.67 -40.44
N VAL B 346 10.56 14.02 -41.44
CA VAL B 346 11.95 14.45 -41.24
C VAL B 346 12.14 15.87 -41.85
N VAL B 347 11.11 16.73 -41.78
CA VAL B 347 11.06 18.09 -42.34
C VAL B 347 12.37 18.89 -42.30
N HIS B 348 12.74 19.53 -43.43
CA HIS B 348 13.94 20.37 -43.55
C HIS B 348 13.52 21.83 -43.68
N HIS B 349 14.11 22.70 -42.86
CA HIS B 349 13.74 24.12 -42.77
C HIS B 349 14.79 25.12 -43.28
N VAL B 350 14.34 26.13 -44.01
CA VAL B 350 15.22 27.17 -44.51
C VAL B 350 14.95 28.44 -43.73
N VAL B 351 15.77 28.65 -42.70
CA VAL B 351 15.65 29.79 -41.79
C VAL B 351 15.99 31.08 -42.52
N PRO B 352 15.05 32.05 -42.53
CA PRO B 352 15.33 33.33 -43.22
C PRO B 352 16.39 34.19 -42.53
N THR B 353 17.66 34.06 -42.97
CA THR B 353 18.76 34.81 -42.37
C THR B 353 19.25 35.97 -43.27
O5' ADN C . -24.18 -20.40 27.80
C5' ADN C . -23.90 -21.59 28.54
C4' ADN C . -25.08 -22.55 28.65
O4' ADN C . -25.99 -22.11 29.69
C3' ADN C . -25.91 -22.73 27.40
O3' ADN C . -26.13 -24.12 27.22
C2' ADN C . -27.19 -21.94 27.71
O2' ADN C . -28.26 -22.39 26.89
C1' ADN C . -27.32 -22.15 29.21
N9 ADN C . -28.06 -21.10 29.91
C8 ADN C . -27.93 -19.76 29.67
N7 ADN C . -28.72 -19.01 30.41
C5 ADN C . -29.41 -19.92 31.19
C6 ADN C . -30.42 -19.77 32.17
N6 ADN C . -30.82 -18.58 32.64
N1 ADN C . -30.92 -20.89 32.73
C2 ADN C . -30.42 -22.08 32.38
N3 ADN C . -29.46 -22.34 31.48
C4 ADN C . -29.00 -21.21 30.91
#